data_1PZ8
#
_entry.id   1PZ8
#
_cell.length_a   76.847
_cell.length_b   56.556
_cell.length_c   84.586
_cell.angle_alpha   90.00
_cell.angle_beta   99.75
_cell.angle_gamma   90.00
#
_symmetry.space_group_name_H-M   'P 1 21 1'
#
loop_
_entity.id
_entity.type
_entity.pdbx_description
1 polymer Agrin
2 non-polymer 'CALCIUM ION'
3 water water
#
_entity_poly.entity_id   1
_entity_poly.type   'polypeptide(L)'
_entity_poly.pdbx_seq_one_letter_code
;EKVIIEKAAGDAEAIAFDGRTYMEYHNAVTKSHLSNEIPAEKALQSNHFELSIKTEATQGLILWSGKGLERSDYIALAIV
DGFVQMMYDLGSKPVVLRSTVPINTNHWTHIKAYRVQREGSLQVGNEAPITGSSPLGATQLDTDGALWLGGMERLSVAHK
LPKAYSTGFIGCIRDVIVDRQELHLVEDALNNPTILHCSAK
;
_entity_poly.pdbx_strand_id   A,B,C,D
#
loop_
_chem_comp.id
_chem_comp.type
_chem_comp.name
_chem_comp.formula
CA non-polymer 'CALCIUM ION' 'Ca 2'
#
# COMPACT_ATOMS: atom_id res chain seq x y z
N GLU A 13 19.74 12.22 -47.22
CA GLU A 13 18.90 13.00 -48.17
C GLU A 13 17.89 13.84 -47.40
N ALA A 14 18.18 15.11 -47.24
CA ALA A 14 17.24 16.01 -46.56
C ALA A 14 16.26 16.69 -47.51
N ILE A 15 14.97 16.72 -47.16
CA ILE A 15 13.98 17.39 -48.01
C ILE A 15 13.54 18.74 -47.47
N ALA A 16 13.30 19.69 -48.37
CA ALA A 16 12.83 21.02 -48.02
C ALA A 16 11.34 21.23 -48.26
N PHE A 17 10.71 22.01 -47.37
CA PHE A 17 9.30 22.36 -47.45
C PHE A 17 9.17 23.88 -47.42
N ASP A 18 8.38 24.45 -48.33
CA ASP A 18 8.24 25.90 -48.42
C ASP A 18 6.88 26.40 -47.96
N GLY A 19 6.11 25.55 -47.28
CA GLY A 19 4.83 25.95 -46.76
C GLY A 19 3.63 25.48 -47.57
N ARG A 20 3.91 24.95 -48.76
CA ARG A 20 2.88 24.44 -49.67
C ARG A 20 3.27 23.03 -50.15
N THR A 21 4.26 22.45 -49.52
CA THR A 21 4.74 21.15 -49.89
C THR A 21 4.19 20.10 -48.94
N TYR A 22 3.40 19.18 -49.46
CA TYR A 22 2.87 18.10 -48.61
C TYR A 22 2.88 16.77 -49.34
N MET A 23 3.52 15.78 -48.71
CA MET A 23 3.67 14.48 -49.32
C MET A 23 2.81 13.42 -48.66
N GLU A 24 2.28 12.54 -49.48
CA GLU A 24 1.44 11.44 -49.06
C GLU A 24 2.19 10.11 -49.12
N TYR A 25 2.05 9.34 -48.05
CA TYR A 25 2.64 8.00 -47.96
C TYR A 25 1.60 7.05 -47.37
N HIS A 26 1.79 5.76 -47.65
CA HIS A 26 0.92 4.74 -47.10
C HIS A 26 1.75 3.70 -46.35
N ASN A 27 1.21 3.18 -45.24
CA ASN A 27 1.90 2.19 -44.42
C ASN A 27 2.44 1.01 -45.21
N ALA A 28 3.73 0.74 -45.03
CA ALA A 28 4.41 -0.35 -45.72
C ALA A 28 4.00 -1.71 -45.15
N VAL A 29 4.88 -2.70 -45.34
CA VAL A 29 4.67 -4.07 -44.88
C VAL A 29 4.16 -4.12 -43.44
N ALA A 40 -7.88 -1.84 -46.71
CA ALA A 40 -8.59 -2.41 -45.57
C ALA A 40 -8.67 -1.40 -44.42
N GLU A 41 -9.22 -1.82 -43.28
CA GLU A 41 -9.32 -1.01 -42.08
C GLU A 41 -8.47 -1.63 -40.98
N LYS A 42 -7.36 -0.98 -40.61
CA LYS A 42 -6.45 -1.54 -39.62
C LYS A 42 -6.59 -0.92 -38.23
N ALA A 43 -6.44 -1.79 -37.23
CA ALA A 43 -6.53 -1.38 -35.84
C ALA A 43 -5.13 -1.41 -35.19
N LEU A 44 -4.51 -0.24 -35.08
CA LEU A 44 -3.15 -0.13 -34.53
C LEU A 44 -3.07 0.18 -33.03
N GLN A 45 -2.38 -0.70 -32.34
CA GLN A 45 -2.20 -0.61 -30.92
C GLN A 45 -1.02 0.25 -30.54
N SER A 46 -0.11 0.50 -31.50
CA SER A 46 1.09 1.31 -31.25
C SER A 46 1.52 2.14 -32.46
N ASN A 47 2.32 3.15 -32.20
CA ASN A 47 2.87 4.06 -33.22
C ASN A 47 4.28 4.46 -32.80
N HIS A 48 5.18 4.52 -33.77
CA HIS A 48 6.58 4.88 -33.48
C HIS A 48 7.11 5.83 -34.54
N PHE A 49 7.55 7.00 -34.12
CA PHE A 49 8.05 8.00 -35.06
C PHE A 49 9.39 8.55 -34.65
N GLU A 50 10.33 8.58 -35.60
CA GLU A 50 11.64 9.17 -35.38
C GLU A 50 11.98 10.03 -36.60
N LEU A 51 12.63 11.16 -36.38
CA LEU A 51 13.03 12.04 -37.46
C LEU A 51 13.79 13.23 -36.92
N SER A 52 14.49 13.91 -37.81
CA SER A 52 15.22 15.12 -37.46
C SER A 52 14.61 16.25 -38.26
N ILE A 53 14.55 17.44 -37.69
CA ILE A 53 14.05 18.58 -38.43
C ILE A 53 14.91 19.82 -38.20
N LYS A 54 14.81 20.74 -39.14
CA LYS A 54 15.52 22.01 -39.07
C LYS A 54 14.54 23.11 -39.53
N THR A 55 14.32 24.10 -38.68
CA THR A 55 13.34 25.13 -38.98
C THR A 55 13.49 26.39 -38.11
N GLU A 56 12.81 27.46 -38.51
CA GLU A 56 12.78 28.73 -37.80
C GLU A 56 11.32 29.05 -37.47
N ALA A 57 10.44 28.18 -37.95
CA ALA A 57 9.01 28.32 -37.75
C ALA A 57 8.54 28.13 -36.32
N THR A 58 7.53 28.91 -35.94
CA THR A 58 6.97 28.79 -34.62
C THR A 58 5.68 27.96 -34.70
N GLN A 59 5.07 27.92 -35.87
CA GLN A 59 3.85 27.21 -36.11
C GLN A 59 4.05 26.39 -37.37
N GLY A 60 3.47 25.18 -37.39
CA GLY A 60 3.54 24.29 -38.53
C GLY A 60 3.27 22.80 -38.26
N LEU A 61 2.54 22.17 -39.20
CA LEU A 61 2.25 20.75 -39.16
C LEU A 61 3.38 19.92 -39.78
N ILE A 62 3.99 19.08 -38.96
CA ILE A 62 5.06 18.21 -39.41
C ILE A 62 4.53 16.87 -39.97
N LEU A 63 3.76 16.16 -39.14
CA LEU A 63 3.29 14.83 -39.50
C LEU A 63 1.85 14.53 -38.99
N TRP A 64 1.06 13.88 -39.83
CA TRP A 64 -0.30 13.50 -39.48
C TRP A 64 -0.55 12.08 -39.96
N SER A 65 -0.85 11.18 -39.04
CA SER A 65 -1.12 9.80 -39.40
C SER A 65 -2.57 9.54 -39.08
N GLY A 66 -3.34 9.22 -40.12
CA GLY A 66 -4.75 8.92 -40.02
C GLY A 66 -5.44 9.11 -41.37
N LYS A 67 -6.72 8.72 -41.46
CA LYS A 67 -7.45 8.82 -42.70
C LYS A 67 -7.69 10.27 -43.14
N GLY A 68 -7.68 11.20 -42.18
CA GLY A 68 -7.84 12.60 -42.46
C GLY A 68 -9.27 13.12 -42.54
N LEU A 69 -10.24 12.27 -42.26
CA LEU A 69 -11.62 12.65 -42.29
C LEU A 69 -12.10 13.18 -40.96
N GLU A 70 -13.27 13.82 -40.97
CA GLU A 70 -13.85 14.37 -39.76
C GLU A 70 -14.03 13.33 -38.68
N ARG A 71 -14.47 12.13 -39.04
CA ARG A 71 -14.68 11.06 -38.05
C ARG A 71 -13.45 10.26 -37.65
N SER A 72 -12.37 10.40 -38.39
CA SER A 72 -11.18 9.55 -38.23
C SER A 72 -10.32 9.81 -36.97
N ASP A 73 -9.73 8.74 -36.46
CA ASP A 73 -8.78 8.85 -35.39
C ASP A 73 -7.50 9.45 -35.98
N TYR A 74 -6.60 9.92 -35.12
CA TYR A 74 -5.36 10.49 -35.60
C TYR A 74 -4.33 10.53 -34.50
N ILE A 75 -3.12 10.87 -34.92
CA ILE A 75 -1.93 11.11 -34.09
C ILE A 75 -1.02 12.01 -34.93
N ALA A 76 -0.53 13.09 -34.36
CA ALA A 76 0.22 14.02 -35.17
C ALA A 76 1.31 14.66 -34.37
N LEU A 77 2.23 15.28 -35.11
CA LEU A 77 3.36 16.00 -34.54
C LEU A 77 3.33 17.39 -35.14
N ALA A 78 3.48 18.41 -34.31
CA ALA A 78 3.44 19.79 -34.82
C ALA A 78 4.21 20.82 -34.01
N ILE A 79 4.49 21.95 -34.65
CA ILE A 79 5.16 23.05 -33.99
C ILE A 79 4.07 24.06 -33.62
N VAL A 80 3.68 24.07 -32.34
CA VAL A 80 2.65 24.95 -31.84
C VAL A 80 3.27 25.99 -30.92
N ASP A 81 3.22 27.25 -31.33
CA ASP A 81 3.77 28.34 -30.54
C ASP A 81 5.22 28.11 -30.10
N GLY A 82 6.09 27.76 -31.04
CA GLY A 82 7.51 27.60 -30.72
C GLY A 82 8.05 26.27 -30.22
N PHE A 83 7.17 25.34 -29.86
CA PHE A 83 7.58 24.03 -29.35
C PHE A 83 6.86 22.86 -30.03
N VAL A 84 7.54 21.74 -30.13
CA VAL A 84 6.97 20.55 -30.72
C VAL A 84 5.96 19.93 -29.76
N GLN A 85 4.82 19.48 -30.25
CA GLN A 85 3.90 18.77 -29.37
C GLN A 85 3.28 17.57 -30.11
N MET A 86 2.92 16.55 -29.35
CA MET A 86 2.30 15.36 -29.91
C MET A 86 0.86 15.35 -29.49
N MET A 87 -0.05 15.04 -30.41
CA MET A 87 -1.46 15.01 -30.15
C MET A 87 -2.05 13.75 -30.78
N TYR A 88 -2.99 13.10 -30.09
CA TYR A 88 -3.68 11.92 -30.63
C TYR A 88 -5.08 11.68 -30.01
N ASP A 89 -6.01 11.23 -30.87
CA ASP A 89 -7.39 10.94 -30.48
C ASP A 89 -7.73 9.56 -30.99
N LEU A 90 -7.85 8.60 -30.11
CA LEU A 90 -8.11 7.23 -30.51
C LEU A 90 -9.55 6.88 -30.45
N GLY A 91 -10.42 7.87 -30.21
CA GLY A 91 -11.85 7.62 -30.10
C GLY A 91 -12.45 8.09 -28.77
N SER A 92 -11.62 8.39 -27.79
CA SER A 92 -12.12 8.85 -26.50
C SER A 92 -11.64 10.24 -26.16
N LYS A 93 -11.44 11.08 -27.17
CA LYS A 93 -11.01 12.47 -27.00
C LYS A 93 -9.50 12.55 -27.00
N PRO A 94 -8.96 13.69 -27.46
CA PRO A 94 -7.52 13.89 -27.59
C PRO A 94 -6.72 14.25 -26.34
N VAL A 95 -5.44 13.93 -26.37
CA VAL A 95 -4.51 14.25 -25.33
C VAL A 95 -3.28 14.83 -26.02
N VAL A 96 -2.64 15.80 -25.39
CA VAL A 96 -1.46 16.51 -25.92
C VAL A 96 -0.23 16.35 -25.01
N LEU A 97 0.94 16.22 -25.64
CA LEU A 97 2.21 16.10 -24.92
C LEU A 97 3.10 17.18 -25.50
N ARG A 98 3.48 18.16 -24.69
CA ARG A 98 4.25 19.28 -25.20
C ARG A 98 5.69 19.32 -24.71
N SER A 99 6.61 19.46 -25.66
CA SER A 99 8.05 19.51 -25.39
C SER A 99 8.41 20.82 -24.73
N THR A 100 9.60 20.90 -24.13
CA THR A 100 10.07 22.10 -23.45
C THR A 100 11.25 22.71 -24.19
N VAL A 101 11.54 22.18 -25.39
CA VAL A 101 12.66 22.63 -26.21
C VAL A 101 12.24 23.55 -27.37
N PRO A 102 12.79 24.76 -27.42
CA PRO A 102 12.53 25.64 -28.55
C PRO A 102 13.02 25.05 -29.87
N ILE A 103 12.09 24.81 -30.79
CA ILE A 103 12.42 24.18 -32.05
C ILE A 103 12.90 25.12 -33.15
N ASN A 104 12.67 26.43 -33.02
CA ASN A 104 13.01 27.36 -34.07
C ASN A 104 14.43 27.92 -33.97
N THR A 105 15.39 27.04 -33.68
CA THR A 105 16.78 27.43 -33.55
C THR A 105 17.47 27.38 -34.89
N ASN A 106 16.79 26.83 -35.89
CA ASN A 106 17.33 26.70 -37.23
C ASN A 106 18.48 25.69 -37.21
N HIS A 107 18.42 24.77 -36.25
CA HIS A 107 19.41 23.71 -36.13
C HIS A 107 18.75 22.34 -36.14
N TRP A 108 19.38 21.41 -36.86
CA TRP A 108 18.86 20.05 -36.93
C TRP A 108 18.54 19.49 -35.55
N THR A 109 17.34 18.95 -35.36
CA THR A 109 17.00 18.43 -34.05
C THR A 109 16.26 17.11 -34.14
N HIS A 110 16.74 16.13 -33.40
CA HIS A 110 16.12 14.82 -33.40
C HIS A 110 14.76 14.77 -32.66
N ILE A 111 13.83 13.92 -33.12
CA ILE A 111 12.52 13.82 -32.45
C ILE A 111 12.09 12.37 -32.34
N LYS A 112 11.95 11.90 -31.11
CA LYS A 112 11.52 10.54 -30.88
C LYS A 112 10.10 10.56 -30.28
N ALA A 113 9.16 9.92 -30.97
CA ALA A 113 7.81 9.90 -30.48
C ALA A 113 7.19 8.51 -30.57
N TYR A 114 6.48 8.09 -29.52
CA TYR A 114 5.81 6.80 -29.55
C TYR A 114 4.61 6.71 -28.66
N ARG A 115 3.79 5.72 -28.94
CA ARG A 115 2.57 5.48 -28.22
C ARG A 115 2.30 3.97 -28.12
N VAL A 116 2.00 3.52 -26.90
CA VAL A 116 1.62 2.14 -26.65
C VAL A 116 0.25 2.17 -26.01
N GLN A 117 -0.76 1.87 -26.81
CA GLN A 117 -2.12 1.93 -26.35
C GLN A 117 -2.44 3.38 -26.02
N ARG A 118 -2.71 3.68 -24.76
CA ARG A 118 -3.08 5.03 -24.34
C ARG A 118 -1.88 5.88 -23.93
N GLU A 119 -0.80 5.27 -23.45
CA GLU A 119 0.36 6.05 -22.99
C GLU A 119 1.28 6.51 -24.14
N GLY A 120 1.87 7.69 -23.99
CA GLY A 120 2.76 8.20 -25.01
C GLY A 120 4.03 8.86 -24.50
N SER A 121 5.01 9.02 -25.37
CA SER A 121 6.26 9.65 -25.02
C SER A 121 6.73 10.56 -26.16
N LEU A 122 7.25 11.71 -25.80
CA LEU A 122 7.74 12.65 -26.77
C LEU A 122 9.09 13.14 -26.27
N GLN A 123 10.13 12.99 -27.08
CA GLN A 123 11.46 13.44 -26.70
C GLN A 123 12.12 14.24 -27.80
N VAL A 124 12.28 15.53 -27.58
CA VAL A 124 12.93 16.37 -28.58
C VAL A 124 14.34 16.65 -28.08
N GLY A 125 15.35 16.23 -28.85
CA GLY A 125 16.72 16.40 -28.43
C GLY A 125 17.06 15.49 -27.26
N ASN A 126 17.66 16.07 -26.24
CA ASN A 126 18.08 15.34 -25.06
C ASN A 126 17.26 15.68 -23.82
N GLU A 127 16.13 16.36 -24.01
CA GLU A 127 15.28 16.72 -22.89
C GLU A 127 14.79 15.43 -22.23
N ALA A 128 14.21 15.55 -21.03
CA ALA A 128 13.62 14.41 -20.38
C ALA A 128 12.26 14.12 -21.08
N PRO A 129 12.00 12.85 -21.39
CA PRO A 129 10.77 12.47 -22.07
C PRO A 129 9.52 12.95 -21.36
N ILE A 130 8.62 13.60 -22.11
CA ILE A 130 7.33 14.05 -21.58
C ILE A 130 6.37 12.93 -21.84
N THR A 131 5.56 12.56 -20.87
CA THR A 131 4.61 11.46 -21.07
C THR A 131 3.16 11.82 -20.69
N GLY A 132 2.24 10.91 -21.01
CA GLY A 132 0.82 11.11 -20.73
C GLY A 132 -0.09 10.01 -21.26
N SER A 133 -1.36 10.06 -20.92
CA SER A 133 -2.29 9.07 -21.42
C SER A 133 -3.55 9.76 -21.91
N SER A 134 -4.14 9.27 -22.99
CA SER A 134 -5.39 9.84 -23.50
C SER A 134 -6.46 9.22 -22.63
N PRO A 135 -7.66 9.78 -22.58
CA PRO A 135 -8.72 9.26 -21.72
C PRO A 135 -8.99 7.77 -21.87
N LEU A 136 -9.58 7.23 -20.82
CA LEU A 136 -9.92 5.83 -20.70
C LEU A 136 -10.89 5.55 -21.78
N GLY A 137 -10.73 4.38 -22.41
CA GLY A 137 -11.60 3.92 -23.48
C GLY A 137 -10.84 3.26 -24.61
N ALA A 138 -10.82 3.95 -25.74
CA ALA A 138 -10.15 3.45 -26.95
C ALA A 138 -8.67 3.31 -26.70
N THR A 139 -8.08 2.29 -27.36
CA THR A 139 -6.63 2.01 -27.24
C THR A 139 -5.99 1.81 -28.61
N GLN A 140 -6.83 1.73 -29.64
CA GLN A 140 -6.40 1.50 -31.00
C GLN A 140 -6.64 2.70 -31.91
N LEU A 141 -5.68 2.98 -32.77
CA LEU A 141 -5.81 4.01 -33.77
C LEU A 141 -6.33 3.30 -35.02
N ASP A 142 -7.53 3.67 -35.46
CA ASP A 142 -8.15 3.07 -36.66
C ASP A 142 -7.77 3.87 -37.92
N THR A 143 -6.87 3.34 -38.71
CA THR A 143 -6.46 4.03 -39.93
C THR A 143 -6.37 3.10 -41.13
N ASP A 144 -6.21 3.70 -42.30
CA ASP A 144 -6.08 2.95 -43.52
C ASP A 144 -4.63 2.94 -43.93
N GLY A 145 -3.75 3.52 -43.11
CA GLY A 145 -2.34 3.49 -43.42
C GLY A 145 -1.80 4.80 -43.92
N ALA A 146 -2.66 5.80 -44.00
CA ALA A 146 -2.27 7.12 -44.47
C ALA A 146 -1.36 7.87 -43.50
N LEU A 147 -0.39 8.56 -44.09
CA LEU A 147 0.56 9.37 -43.37
C LEU A 147 0.90 10.56 -44.22
N TRP A 148 0.77 11.76 -43.64
CA TRP A 148 1.06 13.01 -44.35
C TRP A 148 2.23 13.76 -43.76
N LEU A 149 3.03 14.40 -44.62
CA LEU A 149 4.21 15.12 -44.20
C LEU A 149 4.19 16.54 -44.77
N GLY A 150 4.48 17.50 -43.89
CA GLY A 150 4.54 18.92 -44.19
C GLY A 150 3.19 19.69 -44.20
N GLY A 151 2.13 18.92 -44.17
CA GLY A 151 0.80 19.46 -44.27
C GLY A 151 -0.09 18.31 -44.70
N MET A 152 -1.37 18.56 -44.81
CA MET A 152 -2.31 17.50 -45.15
C MET A 152 -3.42 17.98 -46.07
N GLU A 153 -3.74 17.15 -47.05
CA GLU A 153 -4.78 17.42 -48.05
C GLU A 153 -6.12 17.90 -47.44
N ARG A 154 -6.76 17.02 -46.67
CA ARG A 154 -8.01 17.31 -46.01
C ARG A 154 -7.76 18.10 -44.72
N LEU A 155 -7.81 19.41 -44.86
CA LEU A 155 -7.57 20.31 -43.76
C LEU A 155 -8.83 20.72 -43.04
N SER A 156 -9.80 19.82 -42.87
CA SER A 156 -11.01 20.26 -42.18
C SER A 156 -10.79 20.64 -40.70
N VAL A 157 -9.69 21.34 -40.39
CA VAL A 157 -9.43 21.69 -38.99
C VAL A 157 -9.01 23.14 -38.72
N ALA A 158 -9.13 24.01 -39.71
CA ALA A 158 -8.75 25.40 -39.58
C ALA A 158 -9.31 26.11 -38.34
N HIS A 159 -10.50 25.73 -37.91
CA HIS A 159 -11.12 26.35 -36.75
C HIS A 159 -11.49 25.33 -35.68
N LYS A 160 -10.95 24.13 -35.83
CA LYS A 160 -11.23 23.04 -34.92
C LYS A 160 -10.00 22.72 -34.05
N LEU A 161 -8.81 23.08 -34.49
CA LEU A 161 -7.59 22.82 -33.72
C LEU A 161 -6.72 24.05 -33.82
N PRO A 162 -5.64 24.12 -33.05
CA PRO A 162 -4.69 25.24 -33.17
C PRO A 162 -4.27 25.51 -34.62
N LYS A 163 -4.12 26.79 -34.97
CA LYS A 163 -3.78 27.19 -36.30
C LYS A 163 -2.58 26.44 -36.84
N ALA A 164 -1.58 26.16 -36.01
CA ALA A 164 -0.42 25.39 -36.47
C ALA A 164 -0.79 24.14 -37.29
N TYR A 165 -1.93 23.52 -36.99
CA TYR A 165 -2.31 22.29 -37.67
C TYR A 165 -2.83 22.48 -39.06
N SER A 166 -3.08 23.71 -39.47
CA SER A 166 -3.53 23.96 -40.82
C SER A 166 -2.52 24.88 -41.48
N THR A 167 -1.32 24.92 -40.93
CA THR A 167 -0.23 25.72 -41.47
C THR A 167 0.86 24.85 -42.05
N GLY A 168 1.15 24.99 -43.31
CA GLY A 168 2.20 24.19 -43.93
C GLY A 168 3.55 24.38 -43.22
N PHE A 169 4.31 23.31 -43.09
CA PHE A 169 5.61 23.37 -42.44
C PHE A 169 6.66 24.06 -43.31
N ILE A 170 7.54 24.81 -42.68
CA ILE A 170 8.61 25.47 -43.39
C ILE A 170 9.92 25.10 -42.72
N GLY A 171 10.69 24.27 -43.39
CA GLY A 171 11.95 23.79 -42.86
C GLY A 171 12.33 22.51 -43.60
N CYS A 172 13.22 21.75 -42.99
CA CYS A 172 13.74 20.53 -43.61
C CYS A 172 13.54 19.29 -42.74
N ILE A 173 13.45 18.14 -43.38
CA ILE A 173 13.21 16.89 -42.69
C ILE A 173 14.11 15.84 -43.29
N ARG A 174 14.58 14.91 -42.46
CA ARG A 174 15.41 13.82 -42.93
C ARG A 174 15.33 12.63 -41.99
N ASP A 175 15.82 11.48 -42.45
CA ASP A 175 15.84 10.24 -41.64
C ASP A 175 14.53 10.00 -40.93
N VAL A 176 13.46 9.79 -41.68
CA VAL A 176 12.18 9.56 -41.06
C VAL A 176 11.99 8.06 -40.96
N ILE A 177 11.64 7.62 -39.75
CA ILE A 177 11.44 6.20 -39.47
C ILE A 177 10.07 6.05 -38.83
N VAL A 178 9.23 5.20 -39.42
CA VAL A 178 7.89 4.96 -38.97
C VAL A 178 7.67 3.49 -38.64
N ASP A 179 7.35 3.22 -37.38
CA ASP A 179 7.11 1.89 -36.91
C ASP A 179 8.28 1.01 -37.24
N ARG A 180 9.47 1.50 -36.86
CA ARG A 180 10.72 0.80 -37.07
C ARG A 180 11.20 0.74 -38.53
N GLN A 181 10.36 1.15 -39.47
CA GLN A 181 10.72 1.08 -40.90
C GLN A 181 11.06 2.44 -41.53
N GLU A 182 12.24 2.51 -42.14
CA GLU A 182 12.72 3.70 -42.83
C GLU A 182 11.76 4.14 -43.91
N LEU A 183 11.45 5.42 -43.92
CA LEU A 183 10.57 5.94 -44.93
C LEU A 183 11.39 6.62 -45.97
N HIS A 184 11.18 6.28 -47.23
CA HIS A 184 11.94 6.91 -48.31
C HIS A 184 11.20 8.14 -48.85
N LEU A 185 11.52 9.30 -48.30
CA LEU A 185 10.87 10.55 -48.64
C LEU A 185 10.57 10.83 -50.10
N VAL A 186 11.48 10.48 -51.00
CA VAL A 186 11.25 10.77 -52.42
C VAL A 186 10.42 9.72 -53.20
N GLU A 187 10.92 8.50 -53.35
CA GLU A 187 10.19 7.53 -54.19
C GLU A 187 9.00 6.79 -53.55
N ASP A 188 8.77 7.03 -52.26
CA ASP A 188 7.66 6.42 -51.52
C ASP A 188 6.44 7.36 -51.61
N ALA A 189 6.69 8.62 -51.94
CA ALA A 189 5.64 9.61 -52.08
C ALA A 189 4.66 9.14 -53.15
N LEU A 190 3.39 9.52 -53.00
CA LEU A 190 2.35 9.05 -53.91
C LEU A 190 1.72 10.15 -54.76
N ASN A 191 1.82 11.40 -54.32
CA ASN A 191 1.22 12.54 -55.03
C ASN A 191 2.18 13.28 -55.97
N ASN A 192 3.23 12.60 -56.42
CA ASN A 192 4.24 13.20 -57.30
C ASN A 192 4.44 14.66 -56.95
N PRO A 193 5.10 14.92 -55.84
CA PRO A 193 5.33 16.30 -55.42
C PRO A 193 6.54 16.90 -56.12
N THR A 194 6.78 18.17 -55.80
CA THR A 194 7.92 18.91 -56.33
C THR A 194 9.06 18.79 -55.35
N ILE A 195 10.01 17.92 -55.65
CA ILE A 195 11.10 17.66 -54.74
C ILE A 195 12.18 18.72 -54.75
N LEU A 196 12.38 19.36 -53.60
CA LEU A 196 13.44 20.34 -53.38
C LEU A 196 14.27 19.89 -52.17
N HIS A 197 15.57 19.75 -52.34
CA HIS A 197 16.39 19.35 -51.21
C HIS A 197 16.69 20.54 -50.33
N CYS A 198 17.25 20.28 -49.16
CA CYS A 198 17.59 21.34 -48.22
C CYS A 198 18.82 22.12 -48.72
N ASP B 11 19.98 -21.52 1.43
CA ASP B 11 19.43 -22.86 1.82
C ASP B 11 17.92 -22.70 2.03
N ALA B 12 17.59 -21.91 3.04
CA ALA B 12 16.22 -21.59 3.38
C ALA B 12 15.46 -20.87 2.27
N GLU B 13 14.55 -21.60 1.65
CA GLU B 13 13.73 -21.02 0.62
C GLU B 13 12.69 -20.13 1.31
N ALA B 14 12.94 -18.83 1.33
CA ALA B 14 12.02 -17.90 1.97
C ALA B 14 10.98 -17.32 0.99
N ILE B 15 9.71 -17.36 1.39
CA ILE B 15 8.67 -16.80 0.55
C ILE B 15 8.20 -15.46 1.12
N ALA B 16 7.97 -14.50 0.23
CA ALA B 16 7.51 -13.18 0.61
C ALA B 16 6.03 -12.98 0.32
N PHE B 17 5.35 -12.28 1.21
CA PHE B 17 3.94 -11.96 1.08
C PHE B 17 3.78 -10.42 1.04
N ASP B 18 3.05 -9.92 0.05
CA ASP B 18 2.90 -8.47 -0.14
C ASP B 18 1.60 -7.89 0.45
N GLY B 19 0.72 -8.76 0.98
CA GLY B 19 -0.52 -8.30 1.55
C GLY B 19 -1.73 -8.70 0.71
N ARG B 20 -1.46 -9.19 -0.49
CA ARG B 20 -2.48 -9.69 -1.40
C ARG B 20 -2.10 -11.08 -1.86
N THR B 21 -1.29 -11.75 -1.05
CA THR B 21 -0.84 -13.09 -1.37
C THR B 21 -1.28 -14.10 -0.30
N TYR B 22 -1.78 -15.25 -0.74
CA TYR B 22 -2.12 -16.34 0.17
C TYR B 22 -2.13 -17.66 -0.60
N MET B 23 -1.76 -18.74 0.07
CA MET B 23 -1.71 -20.02 -0.59
C MET B 23 -2.55 -21.06 0.09
N GLU B 24 -3.08 -21.98 -0.70
CA GLU B 24 -3.90 -23.02 -0.16
C GLU B 24 -3.11 -24.31 -0.23
N TYR B 25 -3.26 -25.16 0.78
CA TYR B 25 -2.60 -26.46 0.80
C TYR B 25 -3.56 -27.51 1.31
N HIS B 26 -3.32 -28.76 0.93
CA HIS B 26 -4.15 -29.86 1.41
C HIS B 26 -3.40 -30.72 2.43
N ASN B 27 -4.13 -31.58 3.13
CA ASN B 27 -3.54 -32.40 4.18
C ASN B 27 -2.71 -33.61 3.77
N ALA B 28 -2.83 -34.66 4.57
CA ALA B 28 -2.10 -35.93 4.50
C ALA B 28 -1.68 -36.55 3.16
N VAL B 29 -0.71 -37.44 3.32
CA VAL B 29 -0.05 -38.23 2.31
C VAL B 29 0.92 -39.02 3.21
N THR B 30 1.20 -38.41 4.37
CA THR B 30 2.07 -38.93 5.45
C THR B 30 2.05 -37.98 6.66
N ALA B 40 -12.96 -38.07 5.69
CA ALA B 40 -13.69 -36.95 5.06
C ALA B 40 -13.35 -35.63 5.75
N GLU B 41 -13.96 -35.44 6.93
CA GLU B 41 -13.74 -34.26 7.73
C GLU B 41 -12.98 -34.74 8.97
N LYS B 42 -11.66 -34.66 8.89
CA LYS B 42 -10.77 -35.13 9.95
C LYS B 42 -11.14 -34.71 11.36
N ALA B 43 -10.91 -35.64 12.28
CA ALA B 43 -11.15 -35.47 13.71
C ALA B 43 -9.80 -35.48 14.42
N LEU B 44 -9.11 -34.35 14.40
CA LEU B 44 -7.77 -34.25 14.98
C LEU B 44 -7.81 -33.99 16.47
N GLN B 45 -6.99 -34.75 17.17
CA GLN B 45 -6.78 -34.61 18.60
C GLN B 45 -5.65 -33.60 18.79
N SER B 46 -4.85 -33.39 17.74
CA SER B 46 -3.73 -32.49 17.88
C SER B 46 -3.37 -31.71 16.62
N ASN B 47 -2.51 -30.73 16.84
CA ASN B 47 -1.98 -29.92 15.78
C ASN B 47 -0.63 -29.50 16.24
N HIS B 48 0.32 -29.49 15.31
CA HIS B 48 1.67 -29.03 15.58
C HIS B 48 2.10 -28.11 14.44
N PHE B 49 2.58 -26.91 14.78
CA PHE B 49 2.99 -25.93 13.80
C PHE B 49 4.37 -25.38 14.10
N GLU B 50 5.26 -25.41 13.13
CA GLU B 50 6.58 -24.83 13.30
C GLU B 50 6.92 -24.06 12.04
N LEU B 51 7.41 -22.83 12.22
CA LEU B 51 7.81 -21.97 11.12
C LEU B 51 8.64 -20.74 11.64
N SER B 52 9.28 -20.03 10.73
CA SER B 52 10.04 -18.83 11.09
C SER B 52 9.46 -17.71 10.26
N ILE B 53 9.37 -16.52 10.83
CA ILE B 53 8.85 -15.38 10.08
C ILE B 53 9.67 -14.10 10.27
N LYS B 54 9.62 -13.25 9.24
CA LYS B 54 10.31 -11.99 9.15
C LYS B 54 9.29 -10.94 8.70
N THR B 55 9.07 -9.94 9.54
CA THR B 55 8.04 -8.97 9.26
C THR B 55 8.17 -7.67 10.06
N GLU B 56 7.39 -6.68 9.61
CA GLU B 56 7.31 -5.37 10.27
C GLU B 56 5.87 -5.07 10.61
N ALA B 57 4.97 -5.99 10.26
CA ALA B 57 3.55 -5.81 10.45
C ALA B 57 3.13 -5.91 11.92
N THR B 58 2.07 -5.20 12.27
CA THR B 58 1.51 -5.24 13.61
C THR B 58 0.18 -5.96 13.54
N GLN B 59 -0.34 -6.11 12.32
CA GLN B 59 -1.62 -6.81 12.10
C GLN B 59 -1.45 -7.68 10.88
N GLY B 60 -1.89 -8.95 10.95
CA GLY B 60 -1.85 -9.87 9.83
C GLY B 60 -2.13 -11.34 10.16
N LEU B 61 -2.74 -12.07 9.22
CA LEU B 61 -2.97 -13.52 9.37
C LEU B 61 -1.79 -14.36 8.86
N ILE B 62 -1.23 -15.19 9.73
CA ILE B 62 -0.13 -16.03 9.31
C ILE B 62 -0.63 -17.37 8.76
N LEU B 63 -1.41 -18.07 9.56
CA LEU B 63 -1.84 -19.40 9.20
C LEU B 63 -3.23 -19.70 9.72
N TRP B 64 -4.03 -20.37 8.89
CA TRP B 64 -5.38 -20.80 9.27
C TRP B 64 -5.62 -22.26 8.87
N SER B 65 -6.00 -23.10 9.83
CA SER B 65 -6.29 -24.48 9.47
C SER B 65 -7.72 -24.72 9.80
N GLY B 66 -8.49 -25.19 8.80
CA GLY B 66 -9.89 -25.48 8.97
C GLY B 66 -10.60 -25.36 7.63
N LYS B 67 -11.85 -25.80 7.55
CA LYS B 67 -12.57 -25.78 6.27
C LYS B 67 -12.95 -24.38 5.78
N GLY B 68 -12.89 -23.40 6.66
CA GLY B 68 -13.12 -22.01 6.28
C GLY B 68 -14.54 -21.54 6.26
N LEU B 69 -15.49 -22.43 6.54
CA LEU B 69 -16.89 -22.07 6.54
C LEU B 69 -17.36 -21.55 7.90
N GLU B 70 -18.49 -20.85 7.90
CA GLU B 70 -19.01 -20.26 9.11
C GLU B 70 -19.26 -21.23 10.26
N ARG B 71 -19.58 -22.47 9.97
CA ARG B 71 -19.83 -23.42 11.02
C ARG B 71 -18.61 -24.24 11.38
N SER B 72 -17.49 -23.98 10.73
CA SER B 72 -16.33 -24.85 10.88
C SER B 72 -15.45 -24.57 12.08
N ASP B 73 -14.82 -25.63 12.57
CA ASP B 73 -13.84 -25.50 13.64
C ASP B 73 -12.53 -24.86 13.08
N TYR B 74 -11.66 -24.37 13.98
CA TYR B 74 -10.43 -23.77 13.51
C TYR B 74 -9.35 -23.54 14.55
N ILE B 75 -8.14 -23.44 14.02
CA ILE B 75 -6.93 -23.08 14.78
C ILE B 75 -6.17 -22.17 13.84
N ALA B 76 -5.63 -21.06 14.34
CA ALA B 76 -4.88 -20.15 13.49
C ALA B 76 -3.77 -19.37 14.22
N LEU B 77 -2.80 -18.85 13.48
CA LEU B 77 -1.76 -18.02 14.07
C LEU B 77 -1.92 -16.68 13.39
N ALA B 78 -1.88 -15.62 14.19
CA ALA B 78 -1.97 -14.28 13.65
C ALA B 78 -1.16 -13.23 14.41
N ILE B 79 -0.84 -12.15 13.71
CA ILE B 79 -0.22 -11.00 14.35
C ILE B 79 -1.33 -9.99 14.75
N VAL B 80 -1.57 -9.84 16.06
CA VAL B 80 -2.62 -8.97 16.61
C VAL B 80 -2.04 -7.92 17.53
N ASP B 81 -2.08 -6.67 17.05
CA ASP B 81 -1.59 -5.50 17.78
C ASP B 81 -0.11 -5.60 18.16
N GLY B 82 0.67 -6.23 17.29
CA GLY B 82 2.09 -6.33 17.51
C GLY B 82 2.58 -7.66 18.02
N PHE B 83 1.72 -8.50 18.58
CA PHE B 83 2.15 -9.76 19.13
C PHE B 83 1.49 -10.94 18.44
N VAL B 84 2.25 -12.03 18.33
CA VAL B 84 1.71 -13.24 17.76
C VAL B 84 0.72 -13.89 18.71
N GLN B 85 -0.35 -14.43 18.18
CA GLN B 85 -1.27 -15.17 19.02
C GLN B 85 -1.87 -16.41 18.30
N MET B 86 -2.17 -17.42 19.09
CA MET B 86 -2.77 -18.64 18.59
C MET B 86 -4.21 -18.65 19.06
N MET B 87 -5.14 -19.01 18.19
CA MET B 87 -6.55 -19.03 18.53
C MET B 87 -7.20 -20.31 17.99
N TYR B 88 -8.08 -20.93 18.79
CA TYR B 88 -8.82 -22.09 18.28
C TYR B 88 -10.16 -22.30 18.94
N ASP B 89 -11.12 -22.82 18.16
CA ASP B 89 -12.45 -23.15 18.64
C ASP B 89 -12.76 -24.49 18.08
N LEU B 90 -12.95 -25.48 18.95
CA LEU B 90 -13.22 -26.87 18.56
C LEU B 90 -14.68 -27.20 18.68
N GLY B 91 -15.51 -26.26 19.06
CA GLY B 91 -16.92 -26.51 19.19
C GLY B 91 -17.50 -26.10 20.52
N SER B 92 -16.70 -25.47 21.36
CA SER B 92 -17.09 -24.98 22.67
C SER B 92 -16.62 -23.51 22.91
N LYS B 93 -16.41 -22.75 21.86
CA LYS B 93 -15.97 -21.34 21.95
C LYS B 93 -14.44 -21.27 21.89
N PRO B 94 -13.88 -20.14 21.47
CA PRO B 94 -12.44 -20.03 21.30
C PRO B 94 -11.61 -19.75 22.57
N VAL B 95 -10.33 -20.01 22.42
CA VAL B 95 -9.32 -19.67 23.40
C VAL B 95 -8.22 -18.94 22.67
N VAL B 96 -7.63 -17.92 23.29
CA VAL B 96 -6.55 -17.18 22.68
C VAL B 96 -5.29 -17.29 23.54
N LEU B 97 -4.17 -17.65 22.92
CA LEU B 97 -2.86 -17.68 23.61
C LEU B 97 -1.98 -16.56 23.01
N ARG B 98 -1.59 -15.61 23.84
CA ARG B 98 -0.87 -14.42 23.37
C ARG B 98 0.60 -14.31 23.80
N SER B 99 1.50 -14.32 22.82
CA SER B 99 2.93 -14.19 23.05
C SER B 99 3.32 -12.84 23.66
N THR B 100 4.51 -12.77 24.27
CA THR B 100 5.00 -11.55 24.89
C THR B 100 6.16 -10.94 24.10
N VAL B 101 6.52 -11.58 22.99
CA VAL B 101 7.63 -11.14 22.15
C VAL B 101 7.24 -10.19 21.01
N PRO B 102 7.80 -8.99 20.99
CA PRO B 102 7.54 -8.04 19.89
C PRO B 102 7.95 -8.63 18.53
N ILE B 103 6.99 -8.84 17.63
CA ILE B 103 7.30 -9.50 16.37
C ILE B 103 7.73 -8.54 15.24
N ASN B 104 7.32 -7.28 15.29
CA ASN B 104 7.63 -6.39 14.17
C ASN B 104 9.04 -5.84 14.18
N THR B 105 10.02 -6.74 14.21
CA THR B 105 11.43 -6.36 14.25
C THR B 105 12.13 -6.53 12.91
N ASN B 106 11.48 -7.22 11.97
CA ASN B 106 12.01 -7.51 10.66
C ASN B 106 13.24 -8.40 10.83
N HIS B 107 13.20 -9.23 11.88
CA HIS B 107 14.23 -10.23 12.09
C HIS B 107 13.56 -11.58 12.08
N TRP B 108 14.18 -12.54 11.41
CA TRP B 108 13.66 -13.91 11.35
C TRP B 108 13.42 -14.42 12.77
N THR B 109 12.21 -14.89 13.04
CA THR B 109 11.86 -15.36 14.36
C THR B 109 11.14 -16.67 14.28
N HIS B 110 11.56 -17.61 15.10
CA HIS B 110 10.98 -18.93 15.10
C HIS B 110 9.67 -18.93 15.89
N ILE B 111 8.71 -19.76 15.49
CA ILE B 111 7.41 -19.87 16.16
C ILE B 111 7.05 -21.37 16.30
N LYS B 112 6.65 -21.77 17.49
CA LYS B 112 6.27 -23.14 17.78
C LYS B 112 4.95 -23.11 18.49
N ALA B 113 3.93 -23.68 17.85
CA ALA B 113 2.63 -23.74 18.45
C ALA B 113 2.08 -25.17 18.31
N TYR B 114 1.37 -25.65 19.32
CA TYR B 114 0.75 -26.96 19.21
C TYR B 114 -0.47 -27.10 20.11
N ARG B 115 -1.26 -28.14 19.84
CA ARG B 115 -2.47 -28.45 20.59
C ARG B 115 -2.63 -29.98 20.78
N VAL B 116 -2.92 -30.37 22.02
CA VAL B 116 -3.23 -31.72 22.40
C VAL B 116 -4.59 -31.63 23.05
N GLN B 117 -5.61 -32.06 22.32
CA GLN B 117 -6.99 -31.99 22.79
C GLN B 117 -7.33 -30.55 23.03
N ARG B 118 -7.53 -30.16 24.29
CA ARG B 118 -7.88 -28.80 24.65
C ARG B 118 -6.69 -27.93 25.03
N GLU B 119 -5.54 -28.53 25.28
CA GLU B 119 -4.37 -27.77 25.73
C GLU B 119 -3.53 -27.19 24.60
N GLY B 120 -3.23 -25.90 24.70
CA GLY B 120 -2.45 -25.23 23.69
C GLY B 120 -1.12 -24.77 24.26
N SER B 121 -0.11 -24.71 23.40
CA SER B 121 1.20 -24.18 23.77
C SER B 121 1.74 -23.31 22.66
N LEU B 122 2.15 -22.09 23.03
CA LEU B 122 2.66 -21.14 22.07
C LEU B 122 4.01 -20.67 22.48
N GLN B 123 4.96 -20.75 21.57
CA GLN B 123 6.33 -20.30 21.85
C GLN B 123 6.90 -19.49 20.69
N VAL B 124 7.24 -18.25 20.96
CA VAL B 124 7.86 -17.42 19.95
C VAL B 124 9.24 -17.11 20.44
N GLY B 125 10.26 -17.36 19.62
CA GLY B 125 11.63 -17.14 20.03
C GLY B 125 11.99 -18.13 21.12
N ASN B 126 12.60 -17.61 22.19
CA ASN B 126 12.98 -18.47 23.30
C ASN B 126 12.19 -18.14 24.53
N GLU B 127 11.17 -17.29 24.39
CA GLU B 127 10.33 -16.89 25.52
C GLU B 127 9.84 -18.13 26.23
N ALA B 128 9.34 -17.94 27.45
CA ALA B 128 8.74 -19.04 28.17
C ALA B 128 7.41 -19.39 27.49
N PRO B 129 7.19 -20.68 27.21
CA PRO B 129 5.97 -21.09 26.51
C PRO B 129 4.72 -20.57 27.19
N ILE B 130 3.83 -19.94 26.42
CA ILE B 130 2.52 -19.51 26.91
C ILE B 130 1.57 -20.72 26.83
N THR B 131 0.77 -20.97 27.87
CA THR B 131 -0.17 -22.11 27.86
C THR B 131 -1.54 -21.72 28.26
N GLY B 132 -2.48 -22.56 27.89
CA GLY B 132 -3.89 -22.35 28.17
C GLY B 132 -4.75 -23.48 27.60
N SER B 133 -6.05 -23.47 27.88
CA SER B 133 -6.92 -24.50 27.35
C SER B 133 -8.28 -23.94 26.93
N SER B 134 -8.90 -24.61 25.96
CA SER B 134 -10.19 -24.21 25.51
C SER B 134 -11.25 -24.81 26.44
N PRO B 135 -12.41 -24.16 26.55
CA PRO B 135 -13.45 -24.64 27.47
C PRO B 135 -13.76 -26.13 27.29
N LEU B 136 -14.10 -26.78 28.39
CA LEU B 136 -14.46 -28.19 28.43
C LEU B 136 -15.65 -28.46 27.52
N GLY B 137 -15.64 -29.60 26.84
CA GLY B 137 -16.78 -29.96 26.01
C GLY B 137 -16.43 -30.54 24.65
N ALA B 138 -15.36 -30.02 24.06
CA ALA B 138 -14.92 -30.49 22.75
C ALA B 138 -13.43 -30.44 22.69
N THR B 139 -12.86 -31.50 22.11
CA THR B 139 -11.42 -31.68 21.94
C THR B 139 -10.99 -31.97 20.49
N GLN B 140 -11.93 -32.05 19.56
CA GLN B 140 -11.57 -32.37 18.19
C GLN B 140 -11.75 -31.23 17.19
N LEU B 141 -10.79 -31.10 16.29
CA LEU B 141 -10.89 -30.10 15.25
C LEU B 141 -11.31 -30.83 14.01
N ASP B 142 -12.57 -30.67 13.64
CA ASP B 142 -13.09 -31.31 12.45
C ASP B 142 -12.76 -30.46 11.21
N THR B 143 -11.69 -30.82 10.54
CA THR B 143 -11.30 -30.13 9.33
C THR B 143 -11.32 -31.14 8.17
N ASP B 144 -11.13 -30.65 6.94
CA ASP B 144 -11.11 -31.52 5.78
C ASP B 144 -9.72 -31.51 5.16
N GLY B 145 -8.72 -31.09 5.93
CA GLY B 145 -7.35 -31.04 5.46
C GLY B 145 -6.88 -29.65 5.02
N ALA B 146 -7.82 -28.71 4.85
CA ALA B 146 -7.48 -27.37 4.42
C ALA B 146 -6.51 -26.62 5.36
N LEU B 147 -5.62 -25.86 4.73
CA LEU B 147 -4.64 -25.09 5.44
C LEU B 147 -4.26 -23.85 4.61
N TRP B 148 -4.37 -22.68 5.21
CA TRP B 148 -4.06 -21.43 4.53
C TRP B 148 -2.86 -20.64 5.13
N LEU B 149 -2.02 -20.14 4.23
CA LEU B 149 -0.86 -19.40 4.65
C LEU B 149 -0.95 -17.99 4.07
N GLY B 150 -0.69 -16.97 4.92
CA GLY B 150 -0.68 -15.57 4.52
C GLY B 150 -2.00 -14.78 4.46
N GLY B 151 -3.12 -15.48 4.53
CA GLY B 151 -4.41 -14.84 4.43
C GLY B 151 -5.45 -15.84 4.06
N MET B 152 -6.65 -15.39 3.79
CA MET B 152 -7.73 -16.33 3.53
C MET B 152 -8.52 -16.17 2.26
N GLU B 153 -8.99 -17.30 1.80
CA GLU B 153 -9.85 -17.36 0.64
C GLU B 153 -11.23 -16.86 1.12
N ARG B 154 -11.88 -17.66 1.94
CA ARG B 154 -13.17 -17.33 2.48
C ARG B 154 -13.07 -17.21 3.98
N LEU B 155 -13.74 -16.22 4.54
CA LEU B 155 -13.77 -16.06 5.96
C LEU B 155 -14.65 -14.88 6.30
N SER B 156 -15.77 -15.16 6.94
CA SER B 156 -16.70 -14.14 7.40
C SER B 156 -16.15 -13.64 8.69
N VAL B 157 -14.90 -13.20 8.65
CA VAL B 157 -14.22 -12.75 9.83
C VAL B 157 -14.06 -11.25 9.88
N ALA B 158 -14.27 -10.63 8.72
CA ALA B 158 -14.14 -9.19 8.57
C ALA B 158 -15.23 -8.45 9.33
N HIS B 159 -15.60 -8.94 10.49
CA HIS B 159 -16.66 -8.38 11.26
C HIS B 159 -16.95 -9.18 12.54
N LYS B 160 -16.37 -10.36 12.65
CA LYS B 160 -16.61 -11.18 13.81
C LYS B 160 -15.33 -11.49 14.56
N LEU B 161 -14.20 -11.03 14.04
CA LEU B 161 -12.92 -11.24 14.69
C LEU B 161 -12.08 -10.01 14.57
N PRO B 162 -11.00 -9.90 15.34
CA PRO B 162 -10.08 -8.76 15.16
C PRO B 162 -9.61 -8.60 13.70
N LYS B 163 -9.46 -7.35 13.30
CA LYS B 163 -9.06 -6.99 11.96
C LYS B 163 -7.91 -7.84 11.46
N ALA B 164 -6.97 -8.16 12.34
CA ALA B 164 -5.85 -8.98 11.94
C ALA B 164 -6.24 -10.19 11.07
N TYR B 165 -7.29 -10.89 11.45
CA TYR B 165 -7.67 -12.09 10.71
C TYR B 165 -8.19 -11.89 9.30
N SER B 166 -8.43 -10.63 8.93
CA SER B 166 -8.92 -10.22 7.62
C SER B 166 -7.87 -9.40 6.87
N THR B 167 -6.65 -9.46 7.36
CA THR B 167 -5.54 -8.72 6.84
C THR B 167 -4.50 -9.63 6.26
N GLY B 168 -4.15 -9.42 5.01
CA GLY B 168 -3.13 -10.22 4.36
C GLY B 168 -1.75 -9.99 4.98
N PHE B 169 -1.07 -11.09 5.33
CA PHE B 169 0.27 -11.01 5.92
C PHE B 169 1.27 -10.29 4.98
N ILE B 170 2.12 -9.46 5.57
CA ILE B 170 3.17 -8.78 4.82
C ILE B 170 4.50 -9.06 5.50
N GLY B 171 5.31 -9.90 4.89
CA GLY B 171 6.56 -10.34 5.45
C GLY B 171 6.99 -11.64 4.76
N CYS B 172 7.97 -12.32 5.33
CA CYS B 172 8.55 -13.54 4.74
C CYS B 172 8.35 -14.75 5.66
N ILE B 173 8.26 -15.92 5.06
CA ILE B 173 8.07 -17.17 5.77
C ILE B 173 8.99 -18.27 5.22
N ARG B 174 9.57 -19.06 6.13
CA ARG B 174 10.38 -20.19 5.70
C ARG B 174 10.26 -21.38 6.63
N ASP B 175 10.66 -22.55 6.13
CA ASP B 175 10.72 -23.76 6.94
C ASP B 175 9.43 -24.06 7.66
N VAL B 176 8.34 -24.21 6.92
CA VAL B 176 7.04 -24.47 7.55
C VAL B 176 6.85 -25.98 7.76
N ILE B 177 6.54 -26.38 8.99
CA ILE B 177 6.29 -27.77 9.30
C ILE B 177 4.93 -27.95 9.93
N VAL B 178 4.11 -28.79 9.29
CA VAL B 178 2.76 -29.05 9.73
C VAL B 178 2.60 -30.47 10.19
N ASP B 179 2.27 -30.61 11.47
CA ASP B 179 2.09 -31.93 12.09
C ASP B 179 3.29 -32.83 11.84
N ARG B 180 4.50 -32.27 12.06
CA ARG B 180 5.74 -33.01 11.85
C ARG B 180 6.11 -33.25 10.39
N GLN B 181 5.23 -32.90 9.46
CA GLN B 181 5.50 -33.06 8.03
C GLN B 181 5.96 -31.74 7.40
N GLU B 182 7.03 -31.77 6.64
CA GLU B 182 7.55 -30.56 5.98
C GLU B 182 6.58 -30.14 4.89
N LEU B 183 6.28 -28.85 4.86
CA LEU B 183 5.40 -28.35 3.82
C LEU B 183 6.24 -27.71 2.72
N HIS B 184 5.94 -28.06 1.47
CA HIS B 184 6.64 -27.47 0.33
C HIS B 184 5.86 -26.27 -0.19
N LEU B 185 6.20 -25.11 0.37
CA LEU B 185 5.54 -23.87 0.09
C LEU B 185 5.16 -23.62 -1.38
N VAL B 186 6.16 -23.65 -2.27
CA VAL B 186 5.92 -23.42 -3.69
C VAL B 186 5.22 -24.60 -4.40
N GLU B 187 5.82 -25.77 -4.35
CA GLU B 187 5.29 -26.92 -5.09
C GLU B 187 4.00 -27.53 -4.57
N ASP B 188 3.75 -27.46 -3.27
CA ASP B 188 2.54 -28.04 -2.69
C ASP B 188 1.33 -27.08 -2.79
N ALA B 189 1.56 -25.80 -3.08
CA ALA B 189 0.46 -24.83 -3.19
C ALA B 189 -0.55 -25.31 -4.23
N LEU B 190 -1.82 -24.98 -4.02
CA LEU B 190 -2.91 -25.42 -4.88
C LEU B 190 -3.56 -24.31 -5.65
N ASN B 191 -3.66 -23.14 -5.03
CA ASN B 191 -4.32 -21.99 -5.63
C ASN B 191 -3.47 -21.22 -6.65
N ASN B 192 -2.45 -21.87 -7.21
CA ASN B 192 -1.56 -21.24 -8.19
C ASN B 192 -1.32 -19.75 -7.95
N PRO B 193 -0.56 -19.43 -6.93
CA PRO B 193 -0.25 -18.04 -6.60
C PRO B 193 1.01 -17.49 -7.27
N THR B 194 1.21 -16.17 -7.11
CA THR B 194 2.38 -15.51 -7.66
C THR B 194 3.54 -15.70 -6.69
N ILE B 195 4.52 -16.51 -7.06
CA ILE B 195 5.67 -16.76 -6.17
C ILE B 195 6.70 -15.63 -6.19
N LEU B 196 6.92 -15.05 -5.03
CA LEU B 196 7.93 -14.01 -4.84
C LEU B 196 8.90 -14.53 -3.78
N HIS B 197 10.20 -14.44 -4.05
CA HIS B 197 11.19 -14.90 -3.08
C HIS B 197 11.64 -13.75 -2.20
N CYS B 198 11.77 -14.06 -0.91
CA CYS B 198 12.18 -13.05 0.04
C CYS B 198 13.53 -12.47 -0.38
N ALA C 12 12.69 28.56 8.72
CA ALA C 12 13.49 27.29 8.53
C ALA C 12 14.90 27.44 9.11
N GLU C 13 15.30 26.56 10.00
CA GLU C 13 16.63 26.66 10.62
C GLU C 13 17.77 26.15 9.73
N ALA C 14 18.63 27.05 9.30
CA ALA C 14 19.78 26.73 8.46
C ALA C 14 21.07 26.73 9.28
N ILE C 15 21.77 25.61 9.26
CA ILE C 15 23.00 25.45 10.02
C ILE C 15 24.25 25.60 9.14
N ALA C 16 25.23 26.27 9.71
CA ALA C 16 26.48 26.49 9.02
C ALA C 16 27.54 25.49 9.48
N PHE C 17 28.35 25.08 8.52
CA PHE C 17 29.46 24.16 8.75
C PHE C 17 30.73 24.87 8.30
N ASP C 18 31.68 24.97 9.21
CA ASP C 18 32.93 25.73 8.98
C ASP C 18 34.06 24.89 8.47
N GLY C 19 33.81 23.59 8.28
CA GLY C 19 34.83 22.68 7.78
C GLY C 19 35.48 21.78 8.82
N ARG C 20 35.02 21.87 10.07
CA ARG C 20 35.50 21.08 11.18
C ARG C 20 34.28 20.76 12.05
N THR C 21 33.11 20.96 11.48
CA THR C 21 31.86 20.72 12.15
C THR C 21 31.30 19.39 11.70
N TYR C 22 31.25 18.41 12.61
CA TYR C 22 30.71 17.11 12.26
C TYR C 22 29.54 16.86 13.20
N MET C 23 28.37 16.54 12.64
CA MET C 23 27.17 16.27 13.42
C MET C 23 26.82 14.79 13.32
N GLU C 24 26.36 14.19 14.40
CA GLU C 24 26.05 12.77 14.44
C GLU C 24 24.60 12.53 14.88
N TYR C 25 23.89 11.68 14.16
CA TYR C 25 22.49 11.37 14.48
C TYR C 25 22.21 9.87 14.41
N HIS C 26 21.06 9.45 14.92
CA HIS C 26 20.69 8.04 14.87
C HIS C 26 19.29 7.84 14.31
N ASN C 27 19.06 6.66 13.75
CA ASN C 27 17.76 6.29 13.18
C ASN C 27 16.57 6.70 14.04
N ALA C 28 15.51 7.08 13.34
CA ALA C 28 14.24 7.50 13.88
C ALA C 28 13.33 7.24 12.69
N VAL C 29 12.21 6.55 12.87
CA VAL C 29 11.27 6.30 11.74
C VAL C 29 9.81 6.31 12.21
N GLU C 41 21.07 -5.00 14.02
CA GLU C 41 21.67 -4.68 12.74
C GLU C 41 20.57 -4.58 11.71
N LYS C 42 20.27 -3.37 11.27
CA LYS C 42 19.21 -3.13 10.33
C LYS C 42 19.64 -3.53 8.92
N ALA C 43 18.71 -4.15 8.19
CA ALA C 43 18.94 -4.57 6.82
C ALA C 43 17.95 -3.79 5.95
N LEU C 44 18.35 -2.58 5.60
CA LEU C 44 17.50 -1.69 4.81
C LEU C 44 17.37 -2.07 3.35
N GLN C 45 16.13 -2.04 2.87
CA GLN C 45 15.82 -2.32 1.47
C GLN C 45 15.97 -1.05 0.63
N SER C 46 15.80 0.11 1.26
CA SER C 46 15.86 1.39 0.55
C SER C 46 16.39 2.53 1.41
N ASN C 47 16.62 3.67 0.79
CA ASN C 47 17.06 4.87 1.48
C ASN C 47 16.45 6.05 0.75
N HIS C 48 16.16 7.14 1.47
CA HIS C 48 15.62 8.32 0.82
C HIS C 48 16.20 9.59 1.46
N PHE C 49 16.71 10.49 0.64
CA PHE C 49 17.31 11.70 1.16
C PHE C 49 16.82 12.96 0.45
N GLU C 50 16.48 13.97 1.25
CA GLU C 50 16.10 15.28 0.74
C GLU C 50 16.71 16.36 1.62
N LEU C 51 17.33 17.34 0.99
CA LEU C 51 17.95 18.46 1.71
C LEU C 51 18.25 19.62 0.76
N SER C 52 18.55 20.76 1.33
CA SER C 52 18.94 21.91 0.56
C SER C 52 20.27 22.41 1.12
N ILE C 53 21.19 22.80 0.26
CA ILE C 53 22.48 23.31 0.70
C ILE C 53 22.89 24.60 -0.02
N LYS C 54 23.77 25.35 0.63
CA LYS C 54 24.33 26.60 0.11
C LYS C 54 25.84 26.54 0.40
N THR C 55 26.64 26.58 -0.67
CA THR C 55 28.09 26.45 -0.56
C THR C 55 28.92 26.97 -1.75
N GLU C 56 30.23 27.15 -1.50
CA GLU C 56 31.18 27.59 -2.53
C GLU C 56 32.22 26.49 -2.69
N ALA C 57 32.05 25.41 -1.95
CA ALA C 57 32.98 24.31 -1.95
C ALA C 57 32.97 23.50 -3.24
N THR C 58 34.13 22.93 -3.57
CA THR C 58 34.31 22.10 -4.74
C THR C 58 34.58 20.70 -4.30
N GLN C 59 34.95 20.56 -3.03
CA GLN C 59 35.24 19.27 -2.45
C GLN C 59 34.62 19.21 -1.06
N GLY C 60 33.90 18.15 -0.72
CA GLY C 60 33.33 18.03 0.62
C GLY C 60 32.32 16.91 0.85
N LEU C 61 32.37 16.31 2.03
CA LEU C 61 31.45 15.29 2.42
C LEU C 61 30.21 15.93 3.02
N ILE C 62 29.03 15.58 2.49
CA ILE C 62 27.80 16.16 2.96
C ILE C 62 27.06 15.26 3.97
N LEU C 63 26.87 13.99 3.60
CA LEU C 63 26.14 13.05 4.44
C LEU C 63 26.63 11.61 4.24
N TRP C 64 26.98 10.93 5.32
CA TRP C 64 27.38 9.53 5.25
C TRP C 64 26.40 8.69 6.09
N SER C 65 25.83 7.67 5.47
CA SER C 65 24.92 6.80 6.17
C SER C 65 25.57 5.44 6.26
N GLY C 66 26.00 5.08 7.45
CA GLY C 66 26.59 3.77 7.67
C GLY C 66 27.32 3.68 9.00
N LYS C 67 27.57 2.47 9.47
CA LYS C 67 28.29 2.28 10.72
C LYS C 67 29.64 2.99 10.69
N GLY C 68 30.29 3.02 9.52
CA GLY C 68 31.54 3.75 9.37
C GLY C 68 32.85 3.01 9.58
N LEU C 69 32.78 1.69 9.70
CA LEU C 69 33.97 0.90 9.89
C LEU C 69 34.41 0.47 8.54
N GLU C 70 35.56 -0.20 8.45
CA GLU C 70 36.13 -0.67 7.20
C GLU C 70 35.30 -1.73 6.47
N ARG C 71 34.65 -2.59 7.22
CA ARG C 71 33.85 -3.64 6.57
C ARG C 71 32.43 -3.20 6.19
N SER C 72 32.03 -2.00 6.67
CA SER C 72 30.64 -1.51 6.58
C SER C 72 30.13 -1.00 5.23
N ASP C 73 28.86 -1.29 4.98
CA ASP C 73 28.16 -0.83 3.79
C ASP C 73 27.93 0.64 4.04
N TYR C 74 27.51 1.36 3.02
CA TYR C 74 27.27 2.78 3.14
C TYR C 74 26.60 3.38 1.92
N ILE C 75 25.99 4.54 2.14
CA ILE C 75 25.44 5.36 1.08
C ILE C 75 25.82 6.78 1.47
N ALA C 76 26.42 7.55 0.57
CA ALA C 76 26.90 8.88 0.91
C ALA C 76 26.62 9.95 -0.14
N LEU C 77 26.50 11.21 0.29
CA LEU C 77 26.32 12.34 -0.62
C LEU C 77 27.56 13.18 -0.44
N ALA C 78 28.18 13.58 -1.53
CA ALA C 78 29.35 14.40 -1.43
C ALA C 78 29.50 15.32 -2.61
N ILE C 79 30.31 16.35 -2.40
CA ILE C 79 30.72 17.24 -3.46
C ILE C 79 32.10 16.81 -3.91
N VAL C 80 32.20 16.29 -5.14
CA VAL C 80 33.48 15.87 -5.68
C VAL C 80 33.81 16.59 -7.00
N ASP C 81 34.86 17.39 -6.95
CA ASP C 81 35.30 18.16 -8.10
C ASP C 81 34.21 19.07 -8.63
N GLY C 82 33.48 19.73 -7.73
CA GLY C 82 32.46 20.66 -8.16
C GLY C 82 31.04 20.17 -8.38
N PHE C 83 30.82 18.86 -8.35
CA PHE C 83 29.47 18.34 -8.57
C PHE C 83 29.08 17.37 -7.50
N VAL C 84 27.80 17.40 -7.16
CA VAL C 84 27.28 16.48 -6.19
C VAL C 84 27.18 15.07 -6.80
N GLN C 85 27.52 14.06 -6.00
CA GLN C 85 27.38 12.68 -6.45
C GLN C 85 26.91 11.82 -5.29
N MET C 86 26.25 10.72 -5.64
CA MET C 86 25.79 9.76 -4.66
C MET C 86 26.60 8.46 -4.80
N MET C 87 27.03 7.89 -3.70
CA MET C 87 27.80 6.63 -3.74
C MET C 87 27.23 5.64 -2.77
N TYR C 88 27.12 4.36 -3.17
CA TYR C 88 26.71 3.27 -2.23
C TYR C 88 27.32 1.88 -2.56
N ASP C 89 27.68 1.14 -1.51
CA ASP C 89 28.22 -0.22 -1.57
C ASP C 89 27.40 -1.07 -0.62
N LEU C 90 26.71 -2.07 -1.16
CA LEU C 90 25.81 -2.86 -0.34
C LEU C 90 26.40 -4.20 -0.09
N GLY C 91 27.58 -4.43 -0.60
CA GLY C 91 28.27 -5.71 -0.43
C GLY C 91 28.61 -6.41 -1.74
N SER C 92 28.51 -5.71 -2.85
CA SER C 92 28.85 -6.24 -4.17
C SER C 92 29.55 -5.16 -4.97
N LYS C 93 30.29 -4.27 -4.33
CA LYS C 93 31.04 -3.19 -4.98
C LYS C 93 30.25 -1.87 -5.12
N PRO C 94 30.92 -0.72 -5.11
CA PRO C 94 30.23 0.55 -5.23
C PRO C 94 29.73 0.90 -6.61
N VAL C 95 28.89 1.91 -6.60
CA VAL C 95 28.40 2.52 -7.80
C VAL C 95 28.28 4.02 -7.47
N VAL C 96 28.64 4.87 -8.41
CA VAL C 96 28.53 6.32 -8.25
C VAL C 96 27.49 6.88 -9.23
N LEU C 97 26.70 7.81 -8.76
CA LEU C 97 25.72 8.55 -9.56
C LEU C 97 26.12 10.02 -9.46
N ARG C 98 26.55 10.61 -10.56
CA ARG C 98 27.08 11.97 -10.56
C ARG C 98 26.16 13.06 -11.16
N SER C 99 25.91 14.11 -10.39
CA SER C 99 25.05 15.21 -10.88
C SER C 99 25.72 16.00 -11.99
N THR C 100 24.97 16.82 -12.73
CA THR C 100 25.55 17.66 -13.78
C THR C 100 25.41 19.14 -13.48
N VAL C 101 24.86 19.49 -12.31
CA VAL C 101 24.62 20.85 -11.92
C VAL C 101 25.73 21.42 -11.02
N PRO C 102 26.38 22.49 -11.49
CA PRO C 102 27.43 23.14 -10.71
C PRO C 102 26.89 23.54 -9.37
N ILE C 103 27.48 23.04 -8.30
CA ILE C 103 26.97 23.25 -6.97
C ILE C 103 27.55 24.47 -6.25
N ASN C 104 28.78 24.87 -6.57
CA ASN C 104 29.44 25.98 -5.86
C ASN C 104 28.97 27.40 -6.22
N THR C 105 27.66 27.59 -6.38
CA THR C 105 27.09 28.88 -6.76
C THR C 105 26.76 29.74 -5.56
N ASN C 106 26.79 29.12 -4.39
CA ASN C 106 26.45 29.80 -3.15
C ASN C 106 25.00 30.21 -3.11
N HIS C 107 24.17 29.50 -3.86
CA HIS C 107 22.74 29.72 -3.88
C HIS C 107 22.12 28.44 -3.33
N TRP C 108 21.02 28.55 -2.59
CA TRP C 108 20.36 27.40 -2.02
C TRP C 108 19.98 26.47 -3.15
N THR C 109 20.28 25.20 -2.99
CA THR C 109 20.00 24.21 -4.04
C THR C 109 19.46 22.95 -3.41
N HIS C 110 18.35 22.46 -3.97
CA HIS C 110 17.69 21.28 -3.47
C HIS C 110 18.38 19.99 -4.01
N ILE C 111 18.44 18.95 -3.19
CA ILE C 111 19.02 17.67 -3.59
C ILE C 111 18.04 16.56 -3.16
N LYS C 112 17.73 15.65 -4.07
CA LYS C 112 16.85 14.53 -3.75
C LYS C 112 17.58 13.26 -4.16
N ALA C 113 17.85 12.38 -3.19
CA ALA C 113 18.56 11.17 -3.47
C ALA C 113 17.86 9.91 -2.91
N TYR C 114 17.71 8.87 -3.71
CA TYR C 114 17.11 7.67 -3.14
C TYR C 114 17.58 6.38 -3.72
N ARG C 115 17.32 5.29 -2.98
CA ARG C 115 17.71 3.94 -3.36
C ARG C 115 16.60 2.91 -3.09
N VAL C 116 16.35 2.06 -4.09
CA VAL C 116 15.41 0.95 -4.00
C VAL C 116 16.21 -0.27 -4.38
N GLN C 117 16.56 -1.08 -3.40
CA GLN C 117 17.39 -2.24 -3.66
C GLN C 117 18.68 -1.76 -4.29
N ARG C 118 18.91 -2.11 -5.56
CA ARG C 118 20.14 -1.71 -6.21
C ARG C 118 19.99 -0.42 -7.01
N GLU C 119 18.75 -0.05 -7.33
CA GLU C 119 18.47 1.11 -8.17
C GLU C 119 18.57 2.43 -7.43
N GLY C 120 19.39 3.33 -7.97
CA GLY C 120 19.57 4.64 -7.37
C GLY C 120 19.07 5.76 -8.26
N SER C 121 18.86 6.93 -7.65
CA SER C 121 18.41 8.11 -8.37
C SER C 121 18.85 9.39 -7.68
N LEU C 122 19.51 10.26 -8.44
CA LEU C 122 19.98 11.50 -7.90
C LEU C 122 19.49 12.66 -8.71
N GLN C 123 19.01 13.70 -8.01
CA GLN C 123 18.53 14.90 -8.66
C GLN C 123 18.88 16.14 -7.86
N VAL C 124 19.58 17.06 -8.51
CA VAL C 124 19.95 18.33 -7.91
C VAL C 124 19.20 19.36 -8.70
N GLY C 125 18.61 20.35 -8.04
CA GLY C 125 17.88 21.38 -8.77
C GLY C 125 16.75 20.76 -9.58
N ASN C 126 16.63 21.13 -10.85
CA ASN C 126 15.58 20.56 -11.70
C ASN C 126 16.12 19.69 -12.83
N GLU C 127 17.42 19.37 -12.72
CA GLU C 127 18.07 18.51 -13.70
C GLU C 127 17.27 17.22 -13.82
N ALA C 128 17.39 16.57 -14.96
CA ALA C 128 16.72 15.31 -15.12
C ALA C 128 17.43 14.33 -14.19
N PRO C 129 16.67 13.50 -13.50
CA PRO C 129 17.22 12.55 -12.55
C PRO C 129 18.30 11.65 -13.15
N ILE C 130 19.41 11.45 -12.43
CA ILE C 130 20.47 10.53 -12.88
C ILE C 130 20.15 9.17 -12.29
N THR C 131 20.16 8.14 -13.12
CA THR C 131 19.83 6.79 -12.65
C THR C 131 20.97 5.82 -12.85
N GLY C 132 21.01 4.80 -12.00
CA GLY C 132 22.05 3.79 -12.01
C GLY C 132 21.75 2.65 -11.04
N SER C 133 22.56 1.61 -11.08
CA SER C 133 22.39 0.44 -10.21
C SER C 133 23.73 -0.14 -9.81
N SER C 134 23.84 -0.59 -8.57
CA SER C 134 25.05 -1.25 -8.10
C SER C 134 25.05 -2.69 -8.67
N PRO C 135 26.20 -3.34 -8.73
CA PRO C 135 26.28 -4.69 -9.26
C PRO C 135 25.38 -5.72 -8.54
N LEU C 136 24.89 -6.63 -9.37
CA LEU C 136 24.02 -7.69 -8.97
C LEU C 136 24.60 -8.37 -7.76
N GLY C 137 23.71 -8.77 -6.85
CA GLY C 137 24.11 -9.44 -5.62
C GLY C 137 23.40 -8.88 -4.39
N ALA C 138 24.07 -7.99 -3.67
CA ALA C 138 23.51 -7.41 -2.46
C ALA C 138 22.49 -6.39 -2.85
N THR C 139 21.38 -6.35 -2.11
CA THR C 139 20.33 -5.38 -2.33
C THR C 139 19.99 -4.62 -1.07
N GLN C 140 20.59 -4.99 0.05
CA GLN C 140 20.29 -4.41 1.35
C GLN C 140 21.54 -3.73 1.99
N LEU C 141 21.31 -2.60 2.62
CA LEU C 141 22.37 -1.85 3.30
C LEU C 141 22.27 -2.21 4.75
N ASP C 142 23.28 -2.93 5.22
CA ASP C 142 23.36 -3.34 6.62
C ASP C 142 23.98 -2.21 7.51
N THR C 143 23.25 -1.76 8.52
CA THR C 143 23.74 -0.66 9.32
C THR C 143 23.09 -0.63 10.67
N ASP C 144 23.76 0.03 11.62
CA ASP C 144 23.21 0.23 12.96
C ASP C 144 22.35 1.47 12.91
N GLY C 145 22.38 2.14 11.78
CA GLY C 145 21.59 3.33 11.61
C GLY C 145 22.30 4.65 11.98
N ALA C 146 23.63 4.66 11.93
CA ALA C 146 24.39 5.90 12.19
C ALA C 146 24.33 6.78 10.95
N LEU C 147 24.19 8.08 11.13
CA LEU C 147 24.13 9.02 10.03
C LEU C 147 25.05 10.22 10.33
N TRP C 148 25.91 10.60 9.40
CA TRP C 148 26.86 11.70 9.70
C TRP C 148 26.68 12.84 8.76
N LEU C 149 26.73 14.05 9.27
CA LEU C 149 26.49 15.22 8.47
C LEU C 149 27.68 16.22 8.50
N GLY C 150 28.15 16.59 7.32
CA GLY C 150 29.23 17.58 7.19
C GLY C 150 30.65 17.06 7.33
N GLY C 151 30.76 15.80 7.65
CA GLY C 151 32.06 15.20 7.90
C GLY C 151 31.84 13.90 8.60
N MET C 152 32.91 13.18 8.93
CA MET C 152 32.75 11.85 9.51
C MET C 152 33.81 11.55 10.58
N GLU C 153 33.32 11.09 11.72
CA GLU C 153 34.14 10.68 12.84
C GLU C 153 35.22 9.69 12.38
N ARG C 154 34.86 8.41 12.32
CA ARG C 154 35.78 7.38 11.88
C ARG C 154 35.95 7.51 10.41
N LEU C 155 37.10 7.08 9.91
CA LEU C 155 37.33 7.14 8.48
C LEU C 155 38.62 6.50 8.03
N SER C 156 38.46 5.49 7.20
CA SER C 156 39.56 4.79 6.60
C SER C 156 39.47 5.17 5.17
N VAL C 157 39.20 6.44 4.90
CA VAL C 157 38.98 6.83 3.53
C VAL C 157 39.95 7.86 2.98
N ALA C 158 40.81 8.38 3.82
CA ALA C 158 41.79 9.37 3.37
C ALA C 158 42.55 8.94 2.10
N HIS C 159 42.76 7.63 1.96
CA HIS C 159 43.48 7.07 0.83
C HIS C 159 42.71 5.98 0.03
N LYS C 160 41.45 5.71 0.39
CA LYS C 160 40.70 4.70 -0.32
C LYS C 160 39.59 5.31 -1.21
N LEU C 161 39.24 6.56 -0.96
CA LEU C 161 38.21 7.27 -1.76
C LEU C 161 38.72 8.62 -2.19
N PRO C 162 38.05 9.26 -3.13
CA PRO C 162 38.42 10.64 -3.47
C PRO C 162 38.51 11.55 -2.21
N LYS C 163 39.39 12.54 -2.28
CA LYS C 163 39.66 13.47 -1.19
C LYS C 163 38.41 14.06 -0.56
N ALA C 164 37.41 14.41 -1.38
CA ALA C 164 36.19 14.99 -0.86
C ALA C 164 35.64 14.23 0.35
N TYR C 165 35.71 12.89 0.31
CA TYR C 165 35.22 12.06 1.42
C TYR C 165 35.94 12.26 2.74
N SER C 166 37.09 12.92 2.73
CA SER C 166 37.85 13.22 3.94
C SER C 166 37.94 14.73 4.24
N THR C 167 37.19 15.52 3.51
CA THR C 167 37.20 16.98 3.65
C THR C 167 35.91 17.46 4.27
N GLY C 168 36.02 18.18 5.37
CA GLY C 168 34.87 18.70 6.07
C GLY C 168 34.08 19.69 5.21
N PHE C 169 32.77 19.53 5.14
CA PHE C 169 31.89 20.39 4.35
C PHE C 169 31.88 21.84 4.88
N ILE C 170 32.05 22.80 3.98
CA ILE C 170 31.97 24.21 4.32
C ILE C 170 30.76 24.74 3.57
N GLY C 171 29.69 25.08 4.29
CA GLY C 171 28.49 25.59 3.68
C GLY C 171 27.34 25.60 4.67
N CYS C 172 26.11 25.71 4.15
CA CYS C 172 24.92 25.76 4.98
C CYS C 172 23.99 24.69 4.52
N ILE C 173 23.23 24.11 5.45
CA ILE C 173 22.28 23.02 5.19
C ILE C 173 20.97 23.32 5.91
N ARG C 174 19.86 22.93 5.27
CA ARG C 174 18.53 23.07 5.85
C ARG C 174 17.49 22.04 5.33
N ASP C 175 16.43 21.83 6.11
CA ASP C 175 15.37 20.91 5.72
C ASP C 175 15.85 19.54 5.28
N VAL C 176 16.57 18.85 6.14
CA VAL C 176 17.07 17.53 5.82
C VAL C 176 15.97 16.55 6.10
N ILE C 177 15.64 15.73 5.12
CA ILE C 177 14.62 14.71 5.34
C ILE C 177 15.26 13.38 5.07
N VAL C 178 15.21 12.49 6.05
CA VAL C 178 15.82 11.16 5.94
C VAL C 178 14.76 10.09 6.09
N ASP C 179 14.53 9.29 5.04
CA ASP C 179 13.54 8.22 5.09
C ASP C 179 12.14 8.68 5.48
N ARG C 180 11.69 9.78 4.87
CA ARG C 180 10.36 10.31 5.15
C ARG C 180 10.29 11.15 6.42
N GLN C 181 11.25 11.02 7.33
CA GLN C 181 11.19 11.76 8.59
C GLN C 181 12.10 12.99 8.67
N GLU C 182 11.53 14.11 9.05
CA GLU C 182 12.29 15.36 9.20
C GLU C 182 13.40 15.19 10.25
N LEU C 183 14.61 15.61 9.90
CA LEU C 183 15.70 15.54 10.86
C LEU C 183 15.92 16.87 11.57
N HIS C 184 15.77 16.88 12.87
CA HIS C 184 15.99 18.09 13.64
C HIS C 184 17.49 18.28 13.90
N LEU C 185 18.13 19.11 13.07
CA LEU C 185 19.56 19.33 13.12
C LEU C 185 20.17 19.64 14.48
N VAL C 186 19.52 20.49 15.26
CA VAL C 186 20.02 20.88 16.58
C VAL C 186 19.59 19.89 17.68
N GLU C 187 18.29 19.63 17.79
CA GLU C 187 17.77 18.75 18.85
C GLU C 187 18.06 17.25 18.70
N ASP C 188 18.28 16.76 17.48
CA ASP C 188 18.55 15.35 17.25
C ASP C 188 20.04 14.99 17.30
N ALA C 189 20.91 16.01 17.31
CA ALA C 189 22.37 15.81 17.34
C ALA C 189 22.78 15.09 18.63
N LEU C 190 23.82 14.27 18.57
CA LEU C 190 24.28 13.49 19.72
C LEU C 190 25.63 13.92 20.30
N ASN C 191 26.56 14.30 19.45
CA ASN C 191 27.92 14.64 19.89
C ASN C 191 28.15 16.04 20.45
N ASN C 192 27.07 16.73 20.80
CA ASN C 192 27.18 18.07 21.36
C ASN C 192 28.17 18.94 20.59
N PRO C 193 27.81 19.32 19.38
CA PRO C 193 28.66 20.17 18.56
C PRO C 193 28.44 21.66 18.81
N THR C 194 29.33 22.47 18.26
CA THR C 194 29.24 23.91 18.35
C THR C 194 28.32 24.35 17.24
N ILE C 195 27.06 24.63 17.56
CA ILE C 195 26.11 25.04 16.53
C ILE C 195 26.30 26.49 16.06
N LEU C 196 26.37 26.63 14.75
CA LEU C 196 26.51 27.92 14.08
C LEU C 196 25.33 28.09 13.15
N HIS C 197 24.77 29.29 13.11
CA HIS C 197 23.63 29.54 12.25
C HIS C 197 24.14 30.11 10.96
N CYS C 198 23.38 29.89 9.91
CA CYS C 198 23.72 30.38 8.60
C CYS C 198 23.24 31.81 8.43
N ALA D 12 -38.96 10.55 29.01
CA ALA D 12 -38.32 9.27 29.41
C ALA D 12 -37.03 9.49 30.16
N GLU D 13 -36.72 8.61 31.10
CA GLU D 13 -35.47 8.68 31.80
C GLU D 13 -34.37 8.19 30.88
N ALA D 14 -33.53 9.12 30.43
CA ALA D 14 -32.41 8.80 29.55
C ALA D 14 -31.11 8.80 30.33
N ILE D 15 -30.39 7.69 30.29
CA ILE D 15 -29.12 7.54 31.02
C ILE D 15 -27.89 7.73 30.15
N ALA D 16 -26.90 8.42 30.71
CA ALA D 16 -25.65 8.71 30.03
C ALA D 16 -24.50 7.74 30.45
N PHE D 17 -23.68 7.41 29.46
CA PHE D 17 -22.55 6.52 29.65
C PHE D 17 -21.32 7.28 29.16
N ASP D 18 -20.29 7.35 29.99
CA ASP D 18 -19.12 8.17 29.66
C ASP D 18 -17.94 7.40 29.15
N GLY D 19 -18.09 6.08 29.04
CA GLY D 19 -17.03 5.22 28.53
C GLY D 19 -16.52 4.20 29.52
N ARG D 20 -16.98 4.28 30.77
CA ARG D 20 -16.60 3.33 31.79
C ARG D 20 -17.84 2.99 32.64
N THR D 21 -19.00 3.39 32.14
CA THR D 21 -20.24 3.15 32.82
C THR D 21 -20.85 1.83 32.38
N TYR D 22 -20.92 0.84 33.25
CA TYR D 22 -21.60 -0.41 32.85
C TYR D 22 -22.55 -0.89 33.92
N MET D 23 -23.80 -1.12 33.49
CA MET D 23 -24.87 -1.55 34.34
C MET D 23 -25.09 -3.08 34.20
N GLU D 24 -25.37 -3.73 35.33
CA GLU D 24 -25.64 -5.16 35.37
C GLU D 24 -27.09 -5.42 35.79
N TYR D 25 -27.83 -6.19 35.01
CA TYR D 25 -29.21 -6.49 35.36
C TYR D 25 -29.44 -7.99 35.33
N HIS D 26 -30.50 -8.41 36.00
CA HIS D 26 -30.89 -9.81 36.03
C HIS D 26 -32.24 -10.04 35.39
N ASN D 27 -32.25 -11.12 34.65
CA ASN D 27 -33.33 -11.61 33.84
C ASN D 27 -34.73 -11.14 33.77
N ALA D 28 -35.19 -11.63 32.63
CA ALA D 28 -36.50 -11.55 32.06
C ALA D 28 -37.45 -10.51 32.60
N VAL D 29 -38.66 -10.63 32.09
CA VAL D 29 -39.57 -9.55 32.24
C VAL D 29 -41.00 -9.90 31.83
N ALA D 40 -31.37 -21.96 38.01
CA ALA D 40 -30.92 -22.98 37.07
C ALA D 40 -30.24 -22.36 35.83
N GLU D 41 -30.19 -23.13 34.75
CA GLU D 41 -29.64 -22.68 33.50
C GLU D 41 -30.83 -22.54 32.57
N LYS D 42 -31.06 -21.34 32.04
CA LYS D 42 -32.18 -21.14 31.14
C LYS D 42 -31.76 -21.46 29.71
N ALA D 43 -32.61 -22.18 29.01
CA ALA D 43 -32.40 -22.51 27.62
C ALA D 43 -33.40 -21.65 26.82
N LEU D 44 -32.97 -20.43 26.50
CA LEU D 44 -33.84 -19.48 25.83
C LEU D 44 -34.00 -19.76 24.34
N GLN D 45 -35.26 -19.93 23.95
CA GLN D 45 -35.62 -20.18 22.57
C GLN D 45 -35.59 -18.89 21.76
N SER D 46 -35.79 -17.74 22.40
CA SER D 46 -35.86 -16.46 21.69
C SER D 46 -35.33 -15.33 22.53
N ASN D 47 -35.08 -14.20 21.88
CA ASN D 47 -34.61 -13.02 22.54
C ASN D 47 -35.27 -11.85 21.81
N HIS D 48 -35.67 -10.80 22.54
CA HIS D 48 -36.25 -9.61 21.93
C HIS D 48 -35.71 -8.34 22.60
N PHE D 49 -35.21 -7.42 21.77
CA PHE D 49 -34.61 -6.21 22.28
C PHE D 49 -35.10 -4.98 21.56
N GLU D 50 -35.49 -3.97 22.32
CA GLU D 50 -35.91 -2.71 21.78
C GLU D 50 -35.31 -1.63 22.67
N LEU D 51 -34.78 -0.60 22.03
CA LEU D 51 -34.13 0.52 22.73
C LEU D 51 -33.85 1.70 21.79
N SER D 52 -33.57 2.84 22.42
CA SER D 52 -33.25 4.04 21.70
C SER D 52 -31.93 4.53 22.22
N ILE D 53 -31.05 4.98 21.34
CA ILE D 53 -29.75 5.49 21.75
C ILE D 53 -29.36 6.78 20.98
N LYS D 54 -28.64 7.64 21.71
CA LYS D 54 -28.09 8.88 21.20
C LYS D 54 -26.57 8.84 21.39
N THR D 55 -25.84 8.94 20.29
CA THR D 55 -24.41 8.86 20.34
C THR D 55 -23.67 9.46 19.13
N GLU D 56 -22.37 9.69 19.32
CA GLU D 56 -21.47 10.15 18.27
C GLU D 56 -20.40 9.09 18.01
N ALA D 57 -20.45 8.00 18.77
CA ALA D 57 -19.48 6.92 18.73
C ALA D 57 -19.54 6.11 17.47
N THR D 58 -18.39 5.60 17.05
CA THR D 58 -18.31 4.75 15.89
C THR D 58 -17.93 3.34 16.33
N GLN D 59 -17.51 3.19 17.58
CA GLN D 59 -17.18 1.88 18.10
C GLN D 59 -17.75 1.85 19.50
N GLY D 60 -18.43 0.75 19.88
CA GLY D 60 -18.98 0.62 21.20
C GLY D 60 -19.91 -0.55 21.49
N LEU D 61 -19.71 -1.16 22.66
CA LEU D 61 -20.59 -2.22 23.19
C LEU D 61 -21.81 -1.59 23.80
N ILE D 62 -22.98 -1.90 23.26
CA ILE D 62 -24.22 -1.36 23.77
C ILE D 62 -24.85 -2.34 24.75
N LEU D 63 -25.03 -3.58 24.32
CA LEU D 63 -25.70 -4.60 25.14
C LEU D 63 -25.09 -6.03 24.96
N TRP D 64 -24.93 -6.74 26.07
CA TRP D 64 -24.39 -8.09 26.04
C TRP D 64 -25.23 -8.96 26.92
N SER D 65 -25.85 -9.97 26.37
CA SER D 65 -26.74 -10.81 27.19
C SER D 65 -26.18 -12.18 27.26
N GLY D 66 -25.79 -12.62 28.45
CA GLY D 66 -25.18 -13.93 28.64
C GLY D 66 -24.36 -13.92 29.90
N LYS D 67 -23.99 -15.12 30.33
CA LYS D 67 -23.26 -15.28 31.56
C LYS D 67 -21.96 -14.48 31.52
N GLY D 68 -21.27 -14.46 30.37
CA GLY D 68 -20.06 -13.68 30.21
C GLY D 68 -18.73 -14.38 30.44
N LEU D 69 -18.76 -15.71 30.52
CA LEU D 69 -17.57 -16.47 30.75
C LEU D 69 -17.08 -16.91 29.43
N GLU D 70 -15.86 -17.46 29.39
CA GLU D 70 -15.26 -17.97 28.16
C GLU D 70 -16.11 -19.02 27.45
N ARG D 71 -16.76 -19.89 28.19
CA ARG D 71 -17.57 -20.95 27.56
C ARG D 71 -19.01 -20.57 27.19
N SER D 72 -19.45 -19.40 27.68
CA SER D 72 -20.83 -18.97 27.56
C SER D 72 -21.34 -18.54 26.18
N ASP D 73 -22.63 -18.79 25.93
CA ASP D 73 -23.33 -18.36 24.75
C ASP D 73 -23.64 -16.89 24.96
N TYR D 74 -23.87 -16.16 23.89
CA TYR D 74 -24.16 -14.74 24.03
C TYR D 74 -24.98 -14.17 22.91
N ILE D 75 -25.50 -12.98 23.14
CA ILE D 75 -26.22 -12.23 22.09
C ILE D 75 -26.00 -10.79 22.44
N ALA D 76 -25.27 -10.10 21.58
CA ALA D 76 -24.91 -8.74 21.82
C ALA D 76 -25.28 -7.75 20.71
N LEU D 77 -25.35 -6.46 21.10
CA LEU D 77 -25.60 -5.32 20.20
C LEU D 77 -24.45 -4.35 20.38
N ALA D 78 -23.83 -3.96 19.29
CA ALA D 78 -22.67 -3.09 19.37
C ALA D 78 -22.54 -2.24 18.14
N ILE D 79 -21.83 -1.13 18.29
CA ILE D 79 -21.52 -0.23 17.20
C ILE D 79 -20.16 -0.58 16.71
N VAL D 80 -20.07 -1.11 15.48
CA VAL D 80 -18.81 -1.49 14.88
C VAL D 80 -18.64 -0.73 13.57
N ASP D 81 -17.60 0.09 13.53
CA ASP D 81 -17.27 0.91 12.40
C ASP D 81 -18.43 1.81 12.01
N GLY D 82 -19.15 2.32 12.99
CA GLY D 82 -20.22 3.24 12.71
C GLY D 82 -21.61 2.63 12.49
N PHE D 83 -21.73 1.32 12.42
CA PHE D 83 -23.04 0.72 12.22
C PHE D 83 -23.39 -0.23 13.39
N VAL D 84 -24.66 -0.27 13.75
CA VAL D 84 -25.09 -1.24 14.76
C VAL D 84 -25.04 -2.62 14.17
N GLN D 85 -24.47 -3.58 14.88
CA GLN D 85 -24.54 -4.96 14.42
C GLN D 85 -24.98 -5.87 15.58
N MET D 86 -25.60 -7.00 15.24
CA MET D 86 -26.06 -7.98 16.21
C MET D 86 -25.26 -9.26 16.02
N MET D 87 -24.77 -9.85 17.09
CA MET D 87 -23.98 -11.04 16.94
C MET D 87 -24.45 -12.04 17.98
N TYR D 88 -24.62 -13.30 17.63
CA TYR D 88 -24.95 -14.33 18.63
C TYR D 88 -24.35 -15.71 18.33
N ASP D 89 -23.88 -16.40 19.37
CA ASP D 89 -23.35 -17.77 19.27
C ASP D 89 -24.13 -18.62 20.21
N LEU D 90 -24.81 -19.63 19.68
CA LEU D 90 -25.66 -20.49 20.49
C LEU D 90 -25.05 -21.82 20.73
N GLY D 91 -23.81 -22.02 20.32
CA GLY D 91 -23.11 -23.28 20.53
C GLY D 91 -22.70 -23.88 19.22
N SER D 92 -22.92 -23.18 18.13
CA SER D 92 -22.57 -23.71 16.87
C SER D 92 -21.87 -22.68 16.04
N LYS D 93 -21.28 -21.69 16.70
CA LYS D 93 -20.53 -20.61 16.07
C LYS D 93 -21.44 -19.40 15.82
N PRO D 94 -20.87 -18.19 15.87
CA PRO D 94 -21.61 -16.95 15.67
C PRO D 94 -22.14 -16.67 14.27
N VAL D 95 -23.01 -15.69 14.27
CA VAL D 95 -23.51 -15.12 13.08
C VAL D 95 -23.49 -13.59 13.36
N VAL D 96 -23.36 -12.78 12.34
CA VAL D 96 -23.41 -11.33 12.50
C VAL D 96 -24.46 -10.75 11.56
N LEU D 97 -25.30 -9.87 12.07
CA LEU D 97 -26.33 -9.15 11.30
C LEU D 97 -25.94 -7.69 11.45
N ARG D 98 -25.58 -7.07 10.34
CA ARG D 98 -25.09 -5.70 10.31
C ARG D 98 -26.09 -4.70 9.70
N SER D 99 -26.25 -3.58 10.37
CA SER D 99 -27.22 -2.54 9.93
C SER D 99 -26.61 -1.66 8.83
N THR D 100 -27.45 -0.93 8.12
CA THR D 100 -26.97 -0.04 7.06
C THR D 100 -27.22 1.43 7.39
N VAL D 101 -27.59 1.70 8.64
CA VAL D 101 -27.92 3.03 9.11
C VAL D 101 -26.83 3.65 9.99
N PRO D 102 -26.31 4.79 9.53
CA PRO D 102 -25.33 5.53 10.29
C PRO D 102 -25.90 5.87 11.64
N ILE D 103 -25.31 5.33 12.69
CA ILE D 103 -25.83 5.55 14.02
C ILE D 103 -25.18 6.73 14.72
N ASN D 104 -24.07 7.24 14.20
CA ASN D 104 -23.34 8.33 14.87
C ASN D 104 -23.76 9.72 14.47
N THR D 105 -25.06 9.98 14.42
CA THR D 105 -25.58 11.28 14.01
C THR D 105 -25.92 12.13 15.20
N ASN D 106 -25.85 11.53 16.38
CA ASN D 106 -26.16 12.22 17.63
C ASN D 106 -27.68 12.48 17.77
N HIS D 107 -28.49 11.82 16.97
CA HIS D 107 -29.93 11.93 17.06
C HIS D 107 -30.50 10.63 17.66
N TRP D 108 -31.55 10.75 18.45
CA TRP D 108 -32.15 9.58 19.07
C TRP D 108 -32.63 8.60 17.98
N THR D 109 -32.22 7.35 18.07
CA THR D 109 -32.60 6.36 17.07
C THR D 109 -33.14 5.08 17.70
N HIS D 110 -34.17 4.51 17.10
CA HIS D 110 -34.77 3.30 17.60
C HIS D 110 -34.08 2.04 17.12
N ILE D 111 -33.88 1.06 17.99
CA ILE D 111 -33.27 -0.22 17.53
C ILE D 111 -34.17 -1.39 17.94
N LYS D 112 -34.38 -2.31 17.00
CA LYS D 112 -35.17 -3.48 17.26
C LYS D 112 -34.42 -4.73 16.82
N ALA D 113 -34.15 -5.63 17.77
CA ALA D 113 -33.45 -6.84 17.42
C ALA D 113 -34.12 -8.05 18.07
N TYR D 114 -34.29 -9.12 17.31
CA TYR D 114 -34.84 -10.38 17.87
C TYR D 114 -34.31 -11.70 17.30
N ARG D 115 -34.55 -12.80 18.02
CA ARG D 115 -34.04 -14.08 17.64
C ARG D 115 -35.09 -15.10 17.98
N VAL D 116 -35.41 -15.99 17.04
CA VAL D 116 -36.34 -17.11 17.28
C VAL D 116 -35.48 -18.31 16.84
N GLN D 117 -35.04 -19.12 17.78
CA GLN D 117 -34.13 -20.20 17.49
C GLN D 117 -32.87 -19.67 16.77
N ARG D 118 -32.67 -20.12 15.55
CA ARG D 118 -31.48 -19.67 14.86
C ARG D 118 -31.65 -18.39 14.10
N GLU D 119 -32.90 -18.08 13.72
CA GLU D 119 -33.23 -16.89 12.91
C GLU D 119 -33.14 -15.55 13.67
N GLY D 120 -32.49 -14.59 13.06
CA GLY D 120 -32.36 -13.29 13.67
C GLY D 120 -32.81 -12.17 12.77
N SER D 121 -33.12 -11.03 13.39
CA SER D 121 -33.56 -9.84 12.66
C SER D 121 -33.14 -8.60 13.40
N LEU D 122 -32.55 -7.67 12.67
CA LEU D 122 -32.12 -6.42 13.23
C LEU D 122 -32.70 -5.28 12.43
N GLN D 123 -33.17 -4.26 13.10
CA GLN D 123 -33.75 -3.09 12.43
C GLN D 123 -33.42 -1.81 13.18
N VAL D 124 -32.69 -0.92 12.55
CA VAL D 124 -32.35 0.41 13.11
C VAL D 124 -33.20 1.47 12.40
N GLY D 125 -33.89 2.30 13.15
CA GLY D 125 -34.74 3.29 12.51
C GLY D 125 -35.81 2.63 11.64
N ASN D 126 -35.93 3.11 10.40
CA ASN D 126 -36.91 2.60 9.47
C ASN D 126 -36.31 1.83 8.27
N GLU D 127 -35.09 1.35 8.41
CA GLU D 127 -34.49 0.55 7.35
C GLU D 127 -35.24 -0.78 7.22
N ALA D 128 -35.05 -1.47 6.11
CA ALA D 128 -35.64 -2.76 5.97
C ALA D 128 -34.85 -3.68 6.86
N PRO D 129 -35.53 -4.56 7.55
CA PRO D 129 -34.86 -5.49 8.46
C PRO D 129 -33.78 -6.40 7.83
N ILE D 130 -32.61 -6.47 8.47
CA ILE D 130 -31.49 -7.34 8.06
C ILE D 130 -31.70 -8.69 8.69
N THR D 131 -31.66 -9.75 7.90
CA THR D 131 -31.91 -11.09 8.46
C THR D 131 -30.83 -12.09 8.13
N GLY D 132 -30.74 -13.11 8.94
CA GLY D 132 -29.75 -14.15 8.77
C GLY D 132 -29.99 -15.26 9.78
N SER D 133 -29.16 -16.27 9.77
CA SER D 133 -29.28 -17.37 10.71
C SER D 133 -27.90 -17.91 11.05
N SER D 134 -27.75 -18.34 12.29
CA SER D 134 -26.51 -18.93 12.77
C SER D 134 -26.53 -20.35 12.29
N PRO D 135 -25.37 -21.01 12.27
CA PRO D 135 -25.28 -22.38 11.78
C PRO D 135 -26.17 -23.43 12.46
N LEU D 136 -26.54 -24.42 11.65
CA LEU D 136 -27.33 -25.56 12.08
C LEU D 136 -26.61 -26.25 13.21
N GLY D 137 -27.33 -26.64 14.27
CA GLY D 137 -26.74 -27.34 15.39
C GLY D 137 -27.24 -26.89 16.76
N ALA D 138 -27.33 -25.60 16.98
CA ALA D 138 -27.78 -25.10 18.26
C ALA D 138 -28.89 -24.09 18.01
N THR D 139 -29.93 -24.09 18.85
CA THR D 139 -31.05 -23.14 18.74
C THR D 139 -31.36 -22.45 20.06
N GLN D 140 -30.73 -22.89 21.14
CA GLN D 140 -30.98 -22.33 22.47
C GLN D 140 -29.75 -21.63 23.04
N LEU D 141 -29.96 -20.43 23.55
CA LEU D 141 -28.92 -19.65 24.18
C LEU D 141 -29.02 -19.98 25.63
N ASP D 142 -27.96 -20.58 26.17
CA ASP D 142 -27.91 -20.95 27.59
C ASP D 142 -27.24 -19.83 28.44
N THR D 143 -27.90 -19.46 29.52
CA THR D 143 -27.42 -18.37 30.36
C THR D 143 -28.18 -18.32 31.68
N ASP D 144 -27.53 -17.78 32.71
CA ASP D 144 -28.15 -17.60 34.03
C ASP D 144 -29.10 -16.43 33.91
N GLY D 145 -28.99 -15.75 32.77
CA GLY D 145 -29.82 -14.60 32.49
C GLY D 145 -29.22 -13.27 32.90
N ALA D 146 -27.89 -13.15 32.83
CA ALA D 146 -27.24 -11.88 33.15
C ALA D 146 -27.31 -10.98 31.92
N LEU D 147 -27.41 -9.68 32.14
CA LEU D 147 -27.51 -8.71 31.07
C LEU D 147 -26.62 -7.50 31.38
N TRP D 148 -25.90 -7.02 30.38
CA TRP D 148 -24.99 -5.90 30.57
C TRP D 148 -25.23 -4.80 29.58
N LEU D 149 -25.22 -3.56 30.07
CA LEU D 149 -25.47 -2.39 29.28
C LEU D 149 -24.27 -1.47 29.33
N GLY D 150 -23.89 -0.98 28.16
CA GLY D 150 -22.81 -0.03 27.98
C GLY D 150 -21.40 -0.54 28.16
N GLY D 151 -21.28 -1.71 28.73
CA GLY D 151 -19.97 -2.26 29.01
C GLY D 151 -20.14 -3.63 29.63
N MET D 152 -19.04 -4.38 29.62
CA MET D 152 -19.06 -5.79 30.01
C MET D 152 -17.96 -6.09 31.00
N GLU D 153 -18.33 -6.10 32.27
CA GLU D 153 -17.43 -6.44 33.38
C GLU D 153 -16.32 -7.45 33.02
N ARG D 154 -16.73 -8.68 32.82
CA ARG D 154 -15.84 -9.76 32.43
C ARG D 154 -15.59 -9.61 30.95
N LEU D 155 -14.36 -9.90 30.52
CA LEU D 155 -13.98 -9.71 29.14
C LEU D 155 -12.93 -10.72 28.66
N SER D 156 -12.88 -10.83 27.33
CA SER D 156 -11.91 -11.65 26.63
C SER D 156 -11.91 -11.02 25.27
N VAL D 157 -13.02 -10.38 24.98
CA VAL D 157 -13.19 -9.70 23.74
C VAL D 157 -11.87 -9.18 23.23
N ALA D 158 -11.17 -8.43 24.06
CA ALA D 158 -9.92 -7.73 23.71
C ALA D 158 -9.18 -8.27 22.49
N HIS D 159 -8.96 -9.58 22.47
CA HIS D 159 -8.19 -10.24 21.43
C HIS D 159 -8.92 -11.35 20.69
N LYS D 160 -10.21 -11.46 20.93
CA LYS D 160 -11.00 -12.46 20.21
C LYS D 160 -12.24 -11.88 19.50
N LEU D 161 -12.50 -10.59 19.67
CA LEU D 161 -13.61 -9.95 18.97
C LEU D 161 -13.15 -8.58 18.51
N PRO D 162 -13.82 -7.96 17.55
CA PRO D 162 -13.42 -6.62 17.10
C PRO D 162 -13.34 -5.65 18.29
N LYS D 163 -12.46 -4.67 18.21
CA LYS D 163 -12.25 -3.73 19.31
C LYS D 163 -13.54 -3.17 19.95
N ALA D 164 -14.59 -2.94 19.16
CA ALA D 164 -15.85 -2.43 19.66
C ALA D 164 -16.39 -3.16 20.88
N TYR D 165 -16.17 -4.47 20.95
CA TYR D 165 -16.71 -5.22 22.09
C TYR D 165 -15.95 -5.00 23.38
N SER D 166 -14.84 -4.27 23.35
CA SER D 166 -14.04 -3.97 24.53
C SER D 166 -14.06 -2.47 24.80
N THR D 167 -14.78 -1.74 23.96
CA THR D 167 -14.85 -0.31 24.06
C THR D 167 -16.14 0.11 24.71
N GLY D 168 -16.04 0.72 25.87
CA GLY D 168 -17.23 1.20 26.55
C GLY D 168 -18.05 2.20 25.73
N PHE D 169 -19.36 2.05 25.75
CA PHE D 169 -20.23 2.90 24.99
C PHE D 169 -20.25 4.34 25.53
N ILE D 170 -20.22 5.29 24.61
CA ILE D 170 -20.31 6.70 24.96
C ILE D 170 -21.49 7.23 24.24
N GLY D 171 -22.54 7.56 24.99
CA GLY D 171 -23.78 8.04 24.44
C GLY D 171 -24.90 7.94 25.46
N CYS D 172 -26.15 8.04 25.00
CA CYS D 172 -27.29 7.99 25.91
C CYS D 172 -28.21 6.86 25.47
N ILE D 173 -28.93 6.29 26.44
CA ILE D 173 -29.86 5.18 26.21
C ILE D 173 -31.14 5.40 26.99
N ARG D 174 -32.27 4.97 26.41
CA ARG D 174 -33.59 5.12 27.05
C ARG D 174 -34.58 4.12 26.55
N ASP D 175 -35.64 3.91 27.32
CA ASP D 175 -36.71 2.99 26.94
C ASP D 175 -36.20 1.64 26.45
N VAL D 176 -35.54 0.90 27.31
CA VAL D 176 -35.01 -0.40 26.98
C VAL D 176 -36.06 -1.44 27.28
N ILE D 177 -36.37 -2.27 26.30
CA ILE D 177 -37.36 -3.33 26.49
C ILE D 177 -36.70 -4.67 26.21
N VAL D 178 -36.71 -5.57 27.19
CA VAL D 178 -36.09 -6.87 27.04
C VAL D 178 -37.12 -7.96 27.10
N ASP D 179 -37.24 -8.74 26.04
CA ASP D 179 -38.25 -9.79 26.03
C ASP D 179 -39.65 -9.31 26.43
N ARG D 180 -40.10 -8.20 25.84
CA ARG D 180 -41.46 -7.72 26.12
C ARG D 180 -41.73 -7.07 27.48
N GLN D 181 -40.72 -6.64 28.21
CA GLN D 181 -41.00 -5.84 29.42
C GLN D 181 -39.96 -4.79 29.72
N GLU D 182 -40.47 -3.68 30.19
CA GLU D 182 -39.67 -2.52 30.51
C GLU D 182 -38.54 -2.89 31.46
N LEU D 183 -37.36 -2.42 31.12
CA LEU D 183 -36.21 -2.57 31.96
C LEU D 183 -36.00 -1.23 32.65
N HIS D 184 -36.10 -1.20 33.97
CA HIS D 184 -35.89 0.06 34.68
C HIS D 184 -34.41 0.28 34.93
N LEU D 185 -33.82 1.14 34.11
CA LEU D 185 -32.39 1.45 34.13
C LEU D 185 -31.77 1.78 35.46
N VAL D 186 -32.50 2.48 36.30
CA VAL D 186 -31.98 2.88 37.61
C VAL D 186 -32.36 1.91 38.74
N GLU D 187 -33.63 1.53 38.81
CA GLU D 187 -34.09 0.66 39.89
C GLU D 187 -33.65 -0.79 39.74
N ASP D 188 -33.60 -1.30 38.51
CA ASP D 188 -33.27 -2.70 38.25
C ASP D 188 -31.76 -2.99 38.28
N ALA D 189 -30.95 -1.94 38.18
CA ALA D 189 -29.49 -2.12 38.22
C ALA D 189 -29.11 -2.83 39.53
N LEU D 190 -28.05 -3.62 39.46
CA LEU D 190 -27.63 -4.41 40.59
C LEU D 190 -26.30 -3.94 41.15
N ASN D 191 -25.33 -3.72 40.28
CA ASN D 191 -23.98 -3.33 40.71
C ASN D 191 -23.88 -1.87 41.14
N ASN D 192 -24.96 -1.31 41.69
CA ASN D 192 -25.02 0.07 42.17
C ASN D 192 -24.01 1.00 41.54
N PRO D 193 -24.33 1.49 40.36
CA PRO D 193 -23.48 2.46 39.67
C PRO D 193 -23.85 3.90 39.98
N THR D 194 -23.09 4.80 39.36
CA THR D 194 -23.30 6.24 39.48
C THR D 194 -24.15 6.67 38.31
N ILE D 195 -25.42 6.92 38.59
CA ILE D 195 -26.32 7.35 37.55
C ILE D 195 -26.03 8.78 37.12
N LEU D 196 -25.87 8.94 35.81
CA LEU D 196 -25.67 10.23 35.16
C LEU D 196 -26.83 10.33 34.19
N HIS D 197 -27.55 11.45 34.20
CA HIS D 197 -28.69 11.65 33.31
C HIS D 197 -28.26 12.41 32.07
N CYS D 198 -28.67 11.92 30.90
CA CYS D 198 -28.32 12.54 29.63
C CYS D 198 -28.61 14.04 29.64
CA CA E . -10.11 3.88 -32.31
CA CA F . -15.34 -30.33 16.92
CA CA G . 24.44 -5.60 2.58
CA CA H . -26.73 -23.34 23.51
#